data_2XE4
#
_entry.id   2XE4
#
_cell.length_a   95.478
_cell.length_b   142.776
_cell.length_c   208.919
_cell.angle_alpha   90.00
_cell.angle_beta   90.00
_cell.angle_gamma   90.00
#
_symmetry.space_group_name_H-M   'I 2 2 2'
#
loop_
_entity.id
_entity.type
_entity.pdbx_description
1 polymer 'OLIGOPEPTIDASE B'
2 polymer ANTIPAIN
3 non-polymer GLYCEROL
4 non-polymer R-1,2-PROPANEDIOL
5 non-polymer S-1,2-PROPANEDIOL
6 non-polymer 'PHOSPHATE ION'
7 non-polymer 'CHLORIDE ION'
8 non-polymer 'SODIUM ION'
9 water water
#
loop_
_entity_poly.entity_id
_entity_poly.type
_entity_poly.pdbx_seq_one_letter_code
_entity_poly.pdbx_strand_id
1 'polypeptide(L)'
;MGSSHHHHHHSSGLVPRGSHMSSDSSVAASAQPPIAAKKPHRVTLGYVEGEDRGPNPMNPPRYREDPYFWMRDDDRKDPA
VIEHLNKEKVYFQARSADIAQLRDDIYAEHISHINEDDMSAPYVYGKYRYYTREVKGKPYKIYCRVFTDKEPGDVAAEEV
IIDVNQVAEGKAFCDVMEVKPAPPEHDLVAFSVDMSGNEVYTIEFKRISDPSQTIADKVSGTNGEIVWGPDHTSLFYVTK
DETLRENKVWRHVMGKLQSEDVCLYEEHNPLFSAFMYKAADTNTLCIGSQSPETAEVHLLDLRKGNAHNTLEIVRPREKG
VRYDVQMHGTSHLVILTNEGGAVNHKLLIAPRGQPSDWSHVLVDHSEDVFMESIAVRSNYLVVAGRRAGLTRIWTMMADS
QDGVFKAGTGLREVVMEEPIFTVHLVESQMLEYEEPTFRMEYSSLATPNTWFDVSPQDHSRTAVKVREVGGGFDAANYKV
ERRFATAPDQTKIPLSVVYHKDLDMSQPQPCMLYGYGSYGLSMDPQFSIQHLPYCDRGMIFAIAHIRGGSELGRAWYEIG
AKYLTKRNTFSDFIAAAEFLVNAKLTTPSQLACEGRSAGGLLMGAVLNMRPDLFKVALAGVPFVDVMTTMCDPSIPLTTG
EWEEWGNPNEYKYYDYMLSYSPMDNVRAQEYPNIMVQCGLHDPRVAYWEPAKWVSKLRECKTDNNEILLNIDMESGHFSA
KDRYKFWKESAIQQAFVCKHLKSTVRLLVRR
;
A
2 'polypeptide(L)' (FC0)RV(RGL) B
#
loop_
_chem_comp.id
_chem_comp.type
_chem_comp.name
_chem_comp.formula
CL non-polymer 'CHLORIDE ION' 'Cl -1'
GOL non-polymer GLYCEROL 'C3 H8 O3'
NA non-polymer 'SODIUM ION' 'Na 1'
PGO non-polymer S-1,2-PROPANEDIOL 'C3 H8 O2'
PGR non-polymer R-1,2-PROPANEDIOL 'C3 H8 O2'
PO4 non-polymer 'PHOSPHATE ION' 'O4 P -3'
#
# COMPACT_ATOMS: atom_id res chain seq x y z
N SER A 30 -6.18 18.85 -32.58
CA SER A 30 -4.94 19.24 -33.33
C SER A 30 -3.58 18.60 -32.89
N ALA A 31 -3.39 18.55 -31.58
CA ALA A 31 -2.11 18.14 -31.00
C ALA A 31 -1.77 16.70 -31.47
N GLN A 32 -0.52 16.50 -31.92
CA GLN A 32 0.00 15.19 -32.40
C GLN A 32 0.91 14.56 -31.32
N PRO A 33 0.80 13.24 -31.07
CA PRO A 33 1.65 12.71 -30.02
C PRO A 33 3.14 12.67 -30.46
N PRO A 34 4.04 12.72 -29.52
CA PRO A 34 5.45 12.63 -29.87
C PRO A 34 5.86 11.26 -30.47
N ILE A 35 6.78 11.26 -31.40
CA ILE A 35 7.21 10.01 -32.03
C ILE A 35 8.52 9.62 -31.29
N ALA A 36 8.64 8.46 -30.63
CA ALA A 36 9.77 8.14 -29.82
C ALA A 36 10.84 7.59 -30.72
N ALA A 37 12.05 8.03 -30.47
CA ALA A 37 13.24 7.53 -31.18
C ALA A 37 13.53 6.07 -30.68
N LYS A 38 14.20 5.32 -31.53
CA LYS A 38 14.63 3.92 -31.24
C LYS A 38 16.14 3.88 -31.25
N LYS A 39 16.74 3.13 -30.30
CA LYS A 39 18.18 2.95 -30.33
C LYS A 39 18.38 1.44 -30.11
N PRO A 40 19.20 0.78 -30.92
CA PRO A 40 19.39 -0.74 -30.70
C PRO A 40 19.92 -1.02 -29.28
N HIS A 41 19.34 -2.03 -28.66
CA HIS A 41 19.77 -2.45 -27.37
C HIS A 41 19.42 -3.90 -27.16
N ARG A 42 20.38 -4.74 -26.82
CA ARG A 42 20.03 -6.17 -26.61
C ARG A 42 19.95 -6.37 -25.04
N VAL A 43 18.86 -6.96 -24.59
CA VAL A 43 18.64 -7.24 -23.16
C VAL A 43 18.99 -8.73 -23.00
N THR A 44 19.75 -9.05 -21.95
CA THR A 44 20.21 -10.45 -21.74
C THR A 44 19.29 -11.00 -20.63
N LEU A 45 18.71 -12.18 -20.88
CA LEU A 45 17.91 -12.89 -19.80
C LEU A 45 18.61 -14.28 -19.61
N GLY A 46 19.22 -14.47 -18.41
CA GLY A 46 19.91 -15.69 -18.09
C GLY A 46 21.28 -15.28 -17.49
N TYR A 47 22.34 -16.12 -17.61
CA TYR A 47 23.57 -15.91 -16.99
C TYR A 47 24.29 -14.66 -17.52
N VAL A 48 24.70 -13.80 -16.57
CA VAL A 48 25.54 -12.60 -16.92
C VAL A 48 26.69 -12.60 -15.93
N GLU A 49 27.92 -12.84 -16.44
CA GLU A 49 29.11 -12.85 -15.60
C GLU A 49 29.21 -11.55 -14.79
N GLY A 50 29.37 -11.66 -13.48
CA GLY A 50 29.54 -10.48 -12.64
C GLY A 50 28.22 -9.98 -12.03
N GLU A 51 27.05 -10.56 -12.41
CA GLU A 51 25.79 -10.09 -11.82
C GLU A 51 25.15 -11.28 -11.13
N ASP A 52 24.33 -10.97 -10.12
CA ASP A 52 23.60 -12.02 -9.42
C ASP A 52 22.20 -12.09 -10.15
N ARG A 53 22.07 -13.06 -11.06
CA ARG A 53 20.80 -13.34 -11.79
C ARG A 53 20.04 -14.54 -11.12
N GLY A 54 20.42 -14.82 -9.86
CA GLY A 54 19.84 -15.92 -9.05
C GLY A 54 20.69 -17.20 -9.22
N PRO A 55 20.29 -18.27 -8.53
CA PRO A 55 21.15 -19.47 -8.39
C PRO A 55 21.13 -20.39 -9.60
N ASN A 56 20.30 -20.12 -10.61
CA ASN A 56 20.16 -21.10 -11.72
C ASN A 56 19.76 -20.37 -13.04
N PRO A 57 20.60 -19.44 -13.50
CA PRO A 57 20.25 -18.63 -14.67
C PRO A 57 20.56 -19.42 -15.96
N MET A 58 19.70 -19.22 -16.97
CA MET A 58 19.88 -19.91 -18.26
C MET A 58 21.26 -19.64 -18.85
N ASN A 59 21.92 -20.70 -19.29
CA ASN A 59 23.22 -20.56 -19.90
C ASN A 59 23.29 -21.61 -21.02
N PRO A 60 23.44 -21.17 -22.28
CA PRO A 60 23.64 -19.75 -22.70
C PRO A 60 22.34 -18.95 -22.44
N PRO A 61 22.50 -17.63 -22.27
CA PRO A 61 21.32 -16.80 -21.98
C PRO A 61 20.52 -16.53 -23.30
N ARG A 62 19.32 -16.00 -23.13
CA ARG A 62 18.51 -15.55 -24.25
C ARG A 62 18.63 -14.06 -24.39
N TYR A 63 18.40 -13.57 -25.62
CA TYR A 63 18.49 -12.15 -25.86
C TYR A 63 17.20 -11.62 -26.45
N ARG A 64 16.89 -10.37 -26.10
CA ARG A 64 15.70 -9.70 -26.62
C ARG A 64 16.07 -8.29 -27.04
N GLU A 65 15.50 -7.81 -28.13
CA GLU A 65 15.77 -6.45 -28.59
CA GLU A 65 15.78 -6.47 -28.57
C GLU A 65 14.82 -5.48 -27.83
N ASP A 66 15.34 -4.34 -27.39
CA ASP A 66 14.52 -3.35 -26.66
C ASP A 66 14.89 -1.93 -27.19
N PRO A 67 14.25 -1.50 -28.30
CA PRO A 67 14.72 -0.24 -28.93
C PRO A 67 14.36 1.03 -28.11
N TYR A 68 13.52 0.87 -27.07
CA TYR A 68 13.25 2.01 -26.21
C TYR A 68 14.00 1.95 -24.86
N PHE A 69 14.99 1.00 -24.75
CA PHE A 69 15.76 0.84 -23.51
C PHE A 69 16.37 2.21 -23.04
N TRP A 70 16.74 3.07 -23.99
CA TRP A 70 17.42 4.33 -23.70
C TRP A 70 16.47 5.24 -22.83
N MET A 71 15.17 4.97 -22.78
CA MET A 71 14.25 5.87 -21.98
C MET A 71 14.60 5.81 -20.50
N ARG A 72 15.29 4.73 -20.10
CA ARG A 72 15.75 4.57 -18.72
C ARG A 72 17.02 5.48 -18.42
N ASP A 73 16.93 6.32 -17.37
CA ASP A 73 18.11 6.99 -16.87
C ASP A 73 17.98 6.91 -15.35
N ASP A 74 18.90 6.22 -14.68
CA ASP A 74 18.76 6.00 -13.24
C ASP A 74 18.96 7.33 -12.54
N ASP A 75 19.71 8.28 -13.17
CA ASP A 75 19.93 9.59 -12.55
C ASP A 75 18.80 10.63 -12.77
N ARG A 76 17.78 10.29 -13.60
CA ARG A 76 16.58 11.16 -13.91
C ARG A 76 17.04 12.53 -14.37
N LYS A 77 18.17 12.59 -15.13
N LYS A 77 18.13 12.63 -15.14
CA LYS A 77 18.73 13.89 -15.58
CA LYS A 77 18.42 13.98 -15.67
C LYS A 77 19.15 13.95 -17.03
C LYS A 77 18.80 14.01 -17.12
N ASP A 78 18.95 12.86 -17.77
CA ASP A 78 19.50 12.79 -19.15
C ASP A 78 18.68 13.82 -20.04
N PRO A 79 19.38 14.72 -20.80
CA PRO A 79 18.58 15.72 -21.53
C PRO A 79 17.54 15.13 -22.54
N ALA A 80 17.92 14.09 -23.31
CA ALA A 80 17.03 13.46 -24.33
C ALA A 80 15.84 12.77 -23.64
N VAL A 81 16.09 12.13 -22.48
CA VAL A 81 15.00 11.42 -21.75
C VAL A 81 14.02 12.55 -21.25
N ILE A 82 14.58 13.60 -20.60
CA ILE A 82 13.71 14.64 -19.97
C ILE A 82 12.91 15.32 -21.14
N GLU A 83 13.58 15.56 -22.30
CA GLU A 83 12.89 16.21 -23.41
C GLU A 83 11.67 15.36 -23.87
N HIS A 84 11.90 14.05 -24.04
CA HIS A 84 10.85 13.15 -24.46
C HIS A 84 9.68 13.19 -23.47
N LEU A 85 9.97 13.16 -22.16
CA LEU A 85 8.92 13.17 -21.10
C LEU A 85 8.15 14.51 -21.18
N ASN A 86 8.88 15.61 -21.37
CA ASN A 86 8.26 16.92 -21.54
C ASN A 86 7.35 16.95 -22.77
N LYS A 87 7.75 16.33 -23.88
CA LYS A 87 6.88 16.29 -25.07
C LYS A 87 5.59 15.48 -24.74
N GLU A 88 5.72 14.35 -23.99
CA GLU A 88 4.54 13.64 -23.52
C GLU A 88 3.61 14.58 -22.70
N LYS A 89 4.23 15.31 -21.77
CA LYS A 89 3.44 16.27 -20.90
C LYS A 89 2.70 17.32 -21.78
N VAL A 90 3.41 17.87 -22.78
CA VAL A 90 2.73 18.87 -23.67
C VAL A 90 1.50 18.27 -24.41
N TYR A 91 1.68 17.08 -24.94
CA TYR A 91 0.63 16.35 -25.64
C TYR A 91 -0.53 16.07 -24.66
N PHE A 92 -0.19 15.58 -23.47
CA PHE A 92 -1.24 15.37 -22.42
C PHE A 92 -1.98 16.68 -22.13
N GLN A 93 -1.29 17.81 -21.96
CA GLN A 93 -1.99 19.10 -21.65
C GLN A 93 -2.82 19.54 -22.86
N ALA A 94 -2.36 19.34 -24.10
CA ALA A 94 -3.12 19.78 -25.27
C ALA A 94 -4.40 18.93 -25.42
N ARG A 95 -4.32 17.58 -25.26
CA ARG A 95 -5.49 16.72 -25.49
C ARG A 95 -6.51 16.82 -24.34
N SER A 96 -6.08 17.39 -23.22
N SER A 96 -6.13 17.40 -23.22
CA SER A 96 -6.89 17.50 -21.99
CA SER A 96 -7.05 17.45 -22.08
C SER A 96 -7.53 18.84 -21.87
C SER A 96 -7.52 18.85 -21.86
N ALA A 97 -7.18 19.76 -22.79
CA ALA A 97 -7.67 21.17 -22.68
C ALA A 97 -9.19 21.23 -22.74
N ASP A 98 -9.80 20.32 -23.51
CA ASP A 98 -11.25 20.37 -23.66
C ASP A 98 -11.99 19.76 -22.48
N ILE A 99 -11.27 19.17 -21.50
CA ILE A 99 -11.97 18.68 -20.29
C ILE A 99 -11.55 19.49 -19.05
N ALA A 100 -10.96 20.67 -19.25
CA ALA A 100 -10.51 21.54 -18.12
C ALA A 100 -11.67 21.87 -17.20
N GLN A 101 -12.82 22.23 -17.79
CA GLN A 101 -14.02 22.63 -16.99
C GLN A 101 -14.58 21.44 -16.19
N LEU A 102 -14.67 20.29 -16.84
CA LEU A 102 -15.18 19.07 -16.19
C LEU A 102 -14.15 18.70 -15.07
N ARG A 103 -12.85 18.79 -15.35
CA ARG A 103 -11.86 18.55 -14.30
C ARG A 103 -12.11 19.53 -13.09
N ASP A 104 -12.27 20.83 -13.38
CA ASP A 104 -12.58 21.81 -12.31
C ASP A 104 -13.85 21.42 -11.54
N ASP A 105 -14.87 20.95 -12.25
CA ASP A 105 -16.15 20.55 -11.55
C ASP A 105 -15.88 19.39 -10.59
N ILE A 106 -15.15 18.39 -11.08
CA ILE A 106 -14.89 17.22 -10.26
C ILE A 106 -13.93 17.58 -9.11
N TYR A 107 -12.97 18.46 -9.37
CA TYR A 107 -12.08 18.87 -8.29
C TYR A 107 -12.90 19.58 -7.17
N ALA A 108 -13.81 20.47 -7.58
CA ALA A 108 -14.73 21.10 -6.59
C ALA A 108 -15.53 20.02 -5.79
N GLU A 109 -15.96 18.98 -6.47
CA GLU A 109 -16.66 17.88 -5.77
C GLU A 109 -15.72 17.22 -4.77
N HIS A 110 -14.47 16.99 -5.15
CA HIS A 110 -13.55 16.31 -4.18
C HIS A 110 -13.36 17.23 -2.96
N ILE A 111 -13.19 18.54 -3.25
CA ILE A 111 -13.01 19.56 -2.16
C ILE A 111 -14.24 19.57 -1.23
N SER A 112 -15.43 19.41 -1.84
CA SER A 112 -16.66 19.45 -0.99
C SER A 112 -16.77 18.12 -0.16
N HIS A 113 -16.07 17.06 -0.58
CA HIS A 113 -16.09 15.72 0.08
C HIS A 113 -14.99 15.50 1.11
N ILE A 114 -14.15 16.50 1.27
CA ILE A 114 -13.12 16.55 2.35
C ILE A 114 -13.39 17.72 3.30
N ASN A 115 -12.72 17.73 4.43
CA ASN A 115 -12.87 18.82 5.38
C ASN A 115 -11.70 19.72 5.45
N GLU A 116 -11.88 21.01 5.08
CA GLU A 116 -10.81 22.01 5.12
C GLU A 116 -10.18 21.96 6.52
N ASP A 117 -11.04 21.94 7.56
CA ASP A 117 -10.57 21.85 8.96
C ASP A 117 -10.99 20.46 9.45
N ASP A 118 -10.02 19.70 9.92
CA ASP A 118 -10.25 18.25 10.23
C ASP A 118 -9.29 17.83 11.33
N MET A 119 -9.60 16.72 12.01
CA MET A 119 -8.74 16.21 13.10
C MET A 119 -8.87 14.70 13.00
N SER A 120 -7.73 13.99 13.14
CA SER A 120 -7.75 12.52 13.11
C SER A 120 -8.41 11.98 14.43
N ALA A 121 -8.52 10.65 14.54
CA ALA A 121 -9.10 10.03 15.72
C ALA A 121 -7.96 10.01 16.82
N PRO A 122 -8.09 10.86 17.91
CA PRO A 122 -6.99 10.95 18.89
C PRO A 122 -6.78 9.67 19.66
N TYR A 123 -5.57 9.50 20.18
CA TYR A 123 -5.31 8.30 20.96
C TYR A 123 -4.34 8.72 22.08
N VAL A 124 -4.32 7.92 23.16
CA VAL A 124 -3.48 8.21 24.33
C VAL A 124 -2.07 7.65 24.13
N TYR A 125 -1.07 8.45 24.49
CA TYR A 125 0.34 7.93 24.55
C TYR A 125 1.01 8.75 25.63
N GLY A 126 1.47 8.09 26.70
CA GLY A 126 2.09 8.77 27.87
C GLY A 126 1.05 9.72 28.50
N LYS A 127 1.45 10.99 28.68
CA LYS A 127 0.66 11.96 29.44
C LYS A 127 -0.31 12.72 28.47
N TYR A 128 -0.33 12.33 27.18
CA TYR A 128 -1.02 13.07 26.12
C TYR A 128 -2.07 12.28 25.31
N ARG A 129 -2.99 13.02 24.69
CA ARG A 129 -3.71 12.50 23.54
C ARG A 129 -3.09 13.16 22.32
N TYR A 130 -2.67 12.33 21.37
CA TYR A 130 -2.06 12.76 20.10
C TYR A 130 -3.09 12.72 18.97
N TYR A 131 -2.90 13.57 17.96
CA TYR A 131 -3.75 13.55 16.78
C TYR A 131 -3.10 14.45 15.73
N THR A 132 -3.61 14.36 14.48
CA THR A 132 -3.25 15.39 13.46
C THR A 132 -4.41 16.26 13.20
N ARG A 133 -4.11 17.47 12.71
CA ARG A 133 -5.16 18.34 12.16
C ARG A 133 -4.79 18.70 10.72
N GLU A 134 -5.84 19.00 9.97
CA GLU A 134 -5.75 19.75 8.71
C GLU A 134 -6.45 21.07 8.96
N VAL A 135 -5.94 22.13 8.32
CA VAL A 135 -6.55 23.46 8.53
CA VAL A 135 -6.43 23.50 8.53
C VAL A 135 -6.83 24.09 7.18
N LYS A 136 -7.95 24.86 7.13
CA LYS A 136 -8.42 25.42 5.87
C LYS A 136 -7.32 26.14 5.07
N GLY A 137 -7.17 25.74 3.79
CA GLY A 137 -6.26 26.39 2.88
C GLY A 137 -4.81 25.88 2.97
N LYS A 138 -4.50 24.97 3.92
CA LYS A 138 -3.16 24.41 4.11
CA LYS A 138 -3.16 24.42 4.10
C LYS A 138 -3.09 23.01 3.54
N PRO A 139 -2.02 22.73 2.75
CA PRO A 139 -1.99 21.44 2.07
C PRO A 139 -1.55 20.20 2.92
N TYR A 140 -0.86 20.44 4.05
CA TYR A 140 -0.23 19.35 4.82
C TYR A 140 -0.75 19.29 6.24
N LYS A 141 -0.40 18.20 6.93
CA LYS A 141 -0.86 17.98 8.31
C LYS A 141 -0.03 18.73 9.36
N ILE A 142 -0.70 18.91 10.48
CA ILE A 142 -0.18 19.50 11.71
CA ILE A 142 -0.09 19.45 11.65
C ILE A 142 -0.27 18.40 12.77
N TYR A 143 0.87 17.96 13.29
CA TYR A 143 0.86 16.93 14.39
C TYR A 143 0.75 17.68 15.72
N CYS A 144 -0.23 17.28 16.54
CA CYS A 144 -0.64 18.04 17.74
C CYS A 144 -0.80 17.03 18.94
N ARG A 145 -0.88 17.61 20.13
CA ARG A 145 -1.29 16.86 21.28
C ARG A 145 -1.91 17.79 22.30
N VAL A 146 -2.65 17.19 23.22
CA VAL A 146 -3.03 17.84 24.46
C VAL A 146 -2.77 16.87 25.67
N PHE A 147 -2.63 17.40 26.88
CA PHE A 147 -2.65 16.53 28.06
C PHE A 147 -3.96 15.68 28.08
N THR A 148 -3.90 14.48 28.69
CA THR A 148 -5.02 13.53 28.69
C THR A 148 -6.22 14.08 29.48
N ASP A 149 -6.00 15.08 30.33
CA ASP A 149 -7.12 15.70 31.04
C ASP A 149 -7.81 16.86 30.23
N LYS A 150 -7.45 17.03 28.96
CA LYS A 150 -7.97 18.13 28.15
C LYS A 150 -8.61 17.56 26.90
N GLU A 151 -9.38 18.41 26.20
N GLU A 151 -9.35 18.40 26.17
CA GLU A 151 -10.08 18.05 24.97
CA GLU A 151 -10.09 17.98 24.97
C GLU A 151 -9.13 18.14 23.78
C GLU A 151 -9.29 18.17 23.69
N PRO A 152 -9.03 17.06 22.93
CA PRO A 152 -8.31 17.22 21.64
C PRO A 152 -8.86 18.39 20.82
N GLY A 153 -7.95 19.19 20.23
CA GLY A 153 -8.33 20.40 19.48
C GLY A 153 -8.69 21.66 20.27
N ASP A 154 -8.69 21.59 21.61
CA ASP A 154 -8.86 22.78 22.45
C ASP A 154 -7.61 23.67 22.28
N VAL A 155 -7.79 24.83 21.62
CA VAL A 155 -6.68 25.76 21.32
C VAL A 155 -5.86 26.26 22.53
N ALA A 156 -6.51 26.43 23.68
CA ALA A 156 -5.81 26.88 24.85
C ALA A 156 -4.98 25.71 25.43
N ALA A 157 -5.27 24.46 25.06
CA ALA A 157 -4.52 23.33 25.63
C ALA A 157 -3.51 22.71 24.62
N GLU A 158 -3.72 22.99 23.33
CA GLU A 158 -3.07 22.28 22.26
C GLU A 158 -1.57 22.66 22.16
N GLU A 159 -0.74 21.66 21.93
CA GLU A 159 0.65 21.91 21.60
C GLU A 159 0.90 21.39 20.19
N VAL A 160 1.45 22.22 19.32
CA VAL A 160 1.89 21.80 17.99
C VAL A 160 3.25 21.11 18.09
N ILE A 161 3.35 19.91 17.52
CA ILE A 161 4.62 19.17 17.58
C ILE A 161 5.38 19.49 16.28
N ILE A 162 4.72 19.18 15.13
CA ILE A 162 5.38 19.39 13.82
C ILE A 162 4.33 19.91 12.91
N ASP A 163 4.54 21.11 12.39
CA ASP A 163 3.68 21.64 11.33
C ASP A 163 4.31 21.30 9.94
N VAL A 164 3.81 20.28 9.24
CA VAL A 164 4.41 19.87 7.94
C VAL A 164 4.33 21.01 6.95
N ASN A 165 3.36 21.91 7.10
CA ASN A 165 3.36 23.07 6.17
C ASN A 165 4.62 23.95 6.27
N GLN A 166 5.15 24.08 7.50
CA GLN A 166 6.43 24.81 7.73
C GLN A 166 7.60 24.00 7.17
N VAL A 167 7.57 22.67 7.40
CA VAL A 167 8.62 21.77 6.87
C VAL A 167 8.67 21.88 5.31
N ALA A 168 7.48 21.95 4.67
CA ALA A 168 7.43 21.96 3.21
C ALA A 168 7.65 23.35 2.55
N GLU A 169 7.89 24.41 3.34
N GLU A 169 7.84 24.41 3.32
CA GLU A 169 8.09 25.78 2.81
CA GLU A 169 7.96 25.75 2.75
C GLU A 169 9.09 25.80 1.67
C GLU A 169 9.05 25.78 1.68
N GLY A 170 8.69 26.34 0.52
CA GLY A 170 9.56 26.43 -0.64
C GLY A 170 9.75 25.10 -1.42
N LYS A 171 9.15 23.97 -1.01
CA LYS A 171 9.42 22.71 -1.65
C LYS A 171 8.23 22.32 -2.49
N ALA A 172 8.47 21.72 -3.63
CA ALA A 172 7.40 21.28 -4.50
C ALA A 172 6.70 20.01 -3.95
N PHE A 173 7.43 19.20 -3.18
CA PHE A 173 6.92 17.91 -2.71
C PHE A 173 7.49 17.69 -1.33
N CYS A 174 6.69 17.15 -0.44
CA CYS A 174 7.15 17.03 0.98
C CYS A 174 6.38 15.88 1.64
N ASP A 175 7.06 14.75 1.85
CA ASP A 175 6.46 13.65 2.52
C ASP A 175 7.12 13.51 3.94
N VAL A 176 6.39 13.90 4.98
CA VAL A 176 6.82 13.64 6.38
C VAL A 176 6.13 12.32 6.78
N MET A 177 6.92 11.27 6.94
CA MET A 177 6.34 9.95 7.11
CA MET A 177 6.34 9.94 7.11
C MET A 177 6.02 9.61 8.57
N GLU A 178 6.98 9.85 9.46
CA GLU A 178 6.85 9.49 10.90
C GLU A 178 7.24 10.71 11.75
N VAL A 179 6.59 10.84 12.93
CA VAL A 179 6.91 11.90 13.90
C VAL A 179 6.88 11.14 15.22
N LYS A 180 8.02 11.10 15.93
CA LYS A 180 8.10 10.21 17.12
C LYS A 180 8.76 11.01 18.20
N PRO A 181 8.02 11.27 19.27
CA PRO A 181 8.60 11.90 20.46
C PRO A 181 9.46 10.90 21.22
N ALA A 182 10.54 11.36 21.81
CA ALA A 182 11.47 10.48 22.55
C ALA A 182 10.98 10.20 23.98
N PRO A 183 10.92 8.90 24.37
CA PRO A 183 10.64 8.62 25.83
C PRO A 183 11.87 8.99 26.68
N PRO A 184 11.70 9.26 28.01
CA PRO A 184 10.42 9.16 28.68
C PRO A 184 9.56 10.49 28.58
N GLU A 185 10.21 11.63 28.26
CA GLU A 185 9.60 12.98 28.44
C GLU A 185 8.71 13.35 27.26
N HIS A 186 9.00 12.76 26.09
CA HIS A 186 8.37 13.16 24.82
C HIS A 186 8.59 14.65 24.53
N ASP A 187 9.77 15.16 24.81
CA ASP A 187 10.12 16.57 24.54
C ASP A 187 10.91 16.65 23.24
N LEU A 188 11.98 15.84 23.14
CA LEU A 188 12.73 15.70 21.91
C LEU A 188 11.90 14.92 20.91
N VAL A 189 11.83 15.39 19.66
CA VAL A 189 11.00 14.72 18.65
CA VAL A 189 11.03 14.66 18.67
C VAL A 189 11.87 14.45 17.42
N ALA A 190 11.77 13.25 16.85
CA ALA A 190 12.39 12.96 15.58
C ALA A 190 11.31 12.92 14.53
N PHE A 191 11.63 13.37 13.33
CA PHE A 191 10.63 13.24 12.19
C PHE A 191 11.37 12.90 10.91
N SER A 192 10.72 12.13 10.02
CA SER A 192 11.43 11.71 8.78
C SER A 192 10.80 12.45 7.55
N VAL A 193 11.66 12.93 6.63
CA VAL A 193 11.13 13.74 5.54
C VAL A 193 11.80 13.32 4.22
N ASP A 194 10.99 13.21 3.17
CA ASP A 194 11.49 12.87 1.80
C ASP A 194 10.97 14.05 0.96
N MET A 195 11.89 14.82 0.37
CA MET A 195 11.52 15.98 -0.47
C MET A 195 11.47 15.69 -1.98
N SER A 196 11.61 14.42 -2.40
CA SER A 196 11.62 14.13 -3.87
C SER A 196 10.55 13.04 -4.25
N GLY A 197 10.27 12.09 -3.32
CA GLY A 197 9.28 11.00 -3.62
C GLY A 197 9.97 9.69 -3.90
N ASN A 198 11.30 9.70 -3.79
CA ASN A 198 11.98 8.39 -3.95
C ASN A 198 11.97 7.53 -2.64
N GLU A 199 11.26 7.97 -1.59
CA GLU A 199 11.10 7.21 -0.31
C GLU A 199 12.45 6.93 0.35
N VAL A 200 13.42 7.85 0.14
CA VAL A 200 14.69 7.85 0.96
C VAL A 200 14.50 9.11 1.79
N TYR A 201 14.63 8.97 3.10
CA TYR A 201 14.19 10.03 4.05
C TYR A 201 15.33 10.44 4.92
N THR A 202 15.34 11.69 5.29
CA THR A 202 16.23 12.21 6.31
C THR A 202 15.50 12.30 7.64
N ILE A 203 16.17 11.85 8.73
CA ILE A 203 15.60 12.00 10.07
C ILE A 203 16.15 13.32 10.66
N GLU A 204 15.25 14.21 11.06
CA GLU A 204 15.62 15.53 11.70
C GLU A 204 14.98 15.60 13.07
N PHE A 205 15.35 16.63 13.85
CA PHE A 205 14.95 16.67 15.25
C PHE A 205 14.54 18.06 15.64
N LYS A 206 13.69 18.14 16.64
CA LYS A 206 13.31 19.41 17.22
C LYS A 206 12.97 19.14 18.71
N ARG A 207 13.05 20.17 19.54
CA ARG A 207 12.70 20.02 20.96
C ARG A 207 11.41 20.88 21.13
N ILE A 208 10.34 20.24 21.56
CA ILE A 208 9.10 20.90 21.70
C ILE A 208 9.15 22.05 22.71
N SER A 209 9.81 21.85 23.85
CA SER A 209 9.90 22.86 24.94
C SER A 209 10.87 24.00 24.60
N ASP A 210 11.63 23.88 23.50
CA ASP A 210 12.56 24.91 23.05
C ASP A 210 12.55 24.97 21.51
N PRO A 211 11.48 25.60 20.94
CA PRO A 211 11.29 25.45 19.48
C PRO A 211 12.40 26.12 18.60
N SER A 212 13.19 27.04 19.19
CA SER A 212 14.29 27.71 18.48
C SER A 212 15.68 27.10 18.74
N GLN A 213 15.76 26.02 19.54
CA GLN A 213 17.00 25.28 19.68
C GLN A 213 17.09 24.44 18.41
N THR A 214 18.18 24.68 17.68
CA THR A 214 18.57 23.91 16.48
C THR A 214 19.28 22.69 16.96
N ILE A 215 18.78 21.52 16.57
CA ILE A 215 19.45 20.29 16.93
C ILE A 215 20.22 19.92 15.67
N ALA A 216 21.54 19.77 15.82
CA ALA A 216 22.40 19.58 14.65
C ALA A 216 22.23 18.20 13.99
N ASP A 217 21.83 17.17 14.76
CA ASP A 217 21.87 15.75 14.20
C ASP A 217 20.98 15.61 12.99
N LYS A 218 21.47 14.95 11.92
CA LYS A 218 20.66 14.60 10.71
CA LYS A 218 20.60 14.56 10.81
C LYS A 218 21.02 13.16 10.45
N VAL A 219 20.04 12.31 10.17
CA VAL A 219 20.35 10.97 9.74
C VAL A 219 19.82 10.80 8.32
N SER A 220 20.72 10.65 7.35
N SER A 220 20.70 10.67 7.33
CA SER A 220 20.32 10.55 5.92
CA SER A 220 20.23 10.54 5.93
C SER A 220 20.32 9.12 5.40
C SER A 220 20.26 9.12 5.44
N GLY A 221 19.61 8.90 4.30
CA GLY A 221 19.63 7.62 3.57
C GLY A 221 18.69 6.57 4.18
N THR A 222 17.66 7.02 4.96
CA THR A 222 16.83 6.07 5.72
C THR A 222 15.54 5.71 4.98
N ASN A 223 14.84 4.68 5.51
CA ASN A 223 13.55 4.28 4.93
C ASN A 223 12.39 5.09 5.60
N GLY A 224 12.74 6.09 6.45
CA GLY A 224 11.71 6.95 7.08
C GLY A 224 11.10 6.44 8.39
N GLU A 225 11.42 5.20 8.79
CA GLU A 225 10.95 4.70 10.07
C GLU A 225 11.91 5.16 11.16
N ILE A 226 11.29 5.44 12.33
CA ILE A 226 12.02 5.94 13.47
C ILE A 226 11.61 5.10 14.66
N VAL A 227 12.60 4.53 15.39
CA VAL A 227 12.22 3.80 16.62
C VAL A 227 13.18 4.30 17.70
N TRP A 228 12.68 4.98 18.73
CA TRP A 228 13.61 5.42 19.81
C TRP A 228 14.17 4.23 20.59
N GLY A 229 15.35 4.40 21.19
CA GLY A 229 15.87 3.44 22.10
C GLY A 229 15.08 3.58 23.42
N PRO A 230 15.65 2.98 24.46
CA PRO A 230 14.88 2.98 25.72
C PRO A 230 14.71 4.44 26.33
N ASP A 231 15.55 5.37 25.88
CA ASP A 231 15.45 6.74 26.39
C ASP A 231 15.83 7.67 25.24
N HIS A 232 15.94 8.97 25.57
CA HIS A 232 16.10 9.99 24.52
C HIS A 232 17.55 10.04 24.00
N THR A 233 18.42 9.12 24.44
CA THR A 233 19.88 9.27 24.04
C THR A 233 20.22 8.56 22.73
N SER A 234 19.33 7.69 22.24
CA SER A 234 19.64 6.99 21.02
C SER A 234 18.35 6.53 20.33
N LEU A 235 18.47 6.32 19.03
CA LEU A 235 17.36 5.78 18.25
CA LEU A 235 17.37 5.76 18.27
C LEU A 235 17.88 4.78 17.20
N PHE A 236 16.95 4.00 16.60
CA PHE A 236 17.25 3.02 15.56
C PHE A 236 16.64 3.44 14.25
N TYR A 237 17.23 3.03 13.15
CA TYR A 237 16.75 3.41 11.83
C TYR A 237 17.28 2.40 10.85
N VAL A 238 16.72 2.44 9.62
CA VAL A 238 17.01 1.42 8.59
C VAL A 238 17.47 2.17 7.33
N THR A 239 18.57 1.70 6.71
CA THR A 239 19.07 2.28 5.49
C THR A 239 18.88 1.34 4.33
N LYS A 240 19.05 1.90 3.13
CA LYS A 240 18.83 1.20 1.90
C LYS A 240 20.14 1.05 1.10
N ASP A 241 20.27 0.00 0.32
CA ASP A 241 21.44 -0.17 -0.56
C ASP A 241 21.21 0.75 -1.85
N GLU A 242 22.15 0.69 -2.81
N GLU A 242 22.15 0.64 -2.78
CA GLU A 242 22.03 1.51 -4.06
CA GLU A 242 22.09 1.41 -4.00
C GLU A 242 20.94 0.99 -5.01
C GLU A 242 20.82 1.10 -4.82
N THR A 243 20.26 -0.12 -4.67
CA THR A 243 19.03 -0.51 -5.40
C THR A 243 17.80 -0.24 -4.55
N LEU A 244 18.00 0.52 -3.45
CA LEU A 244 16.93 1.02 -2.56
C LEU A 244 16.32 -0.13 -1.76
N ARG A 245 17.07 -1.22 -1.61
CA ARG A 245 16.59 -2.37 -0.78
C ARG A 245 16.98 -2.05 0.67
N GLU A 246 16.03 -2.14 1.60
CA GLU A 246 16.35 -1.95 3.05
C GLU A 246 17.28 -3.10 3.45
N ASN A 247 18.49 -2.78 3.92
CA ASN A 247 19.41 -3.85 4.17
C ASN A 247 20.15 -3.76 5.47
N LYS A 248 20.04 -2.63 6.17
CA LYS A 248 20.81 -2.42 7.39
C LYS A 248 19.97 -1.75 8.44
N VAL A 249 20.17 -2.16 9.71
CA VAL A 249 19.58 -1.50 10.88
C VAL A 249 20.75 -0.95 11.75
N TRP A 250 20.58 0.28 12.23
CA TRP A 250 21.64 1.04 12.89
C TRP A 250 21.07 1.65 14.18
N ARG A 251 21.99 2.00 15.06
CA ARG A 251 21.70 2.83 16.21
C ARG A 251 22.45 4.18 16.04
N HIS A 252 21.72 5.28 16.18
CA HIS A 252 22.34 6.58 16.25
C HIS A 252 22.29 7.09 17.69
N VAL A 253 23.44 7.56 18.21
CA VAL A 253 23.48 8.15 19.52
C VAL A 253 23.42 9.66 19.32
N MET A 254 22.44 10.29 19.96
CA MET A 254 22.27 11.76 19.84
C MET A 254 23.51 12.53 20.21
N GLY A 255 23.86 13.49 19.35
CA GLY A 255 25.07 14.31 19.55
C GLY A 255 26.30 13.72 18.84
N LYS A 256 26.18 12.54 18.22
CA LYS A 256 27.30 11.97 17.41
C LYS A 256 27.08 12.26 15.92
N LEU A 257 28.12 12.11 15.12
CA LEU A 257 27.99 12.20 13.64
C LEU A 257 27.32 10.90 13.19
N GLN A 258 26.60 10.91 12.09
CA GLN A 258 26.10 9.68 11.59
C GLN A 258 27.21 8.70 11.21
N SER A 259 28.38 9.19 10.82
CA SER A 259 29.49 8.27 10.51
C SER A 259 29.94 7.44 11.77
N GLU A 260 29.56 7.88 12.98
CA GLU A 260 29.88 7.10 14.18
C GLU A 260 28.78 6.10 14.52
N ASP A 261 27.64 6.11 13.78
CA ASP A 261 26.57 5.12 14.06
C ASP A 261 27.03 3.67 13.90
N VAL A 262 26.47 2.78 14.72
CA VAL A 262 26.84 1.36 14.75
C VAL A 262 25.73 0.54 14.02
N CYS A 263 26.15 -0.31 13.08
CA CYS A 263 25.25 -1.19 12.33
C CYS A 263 25.00 -2.43 13.17
N LEU A 264 23.76 -2.66 13.55
CA LEU A 264 23.35 -3.79 14.41
C LEU A 264 23.03 -5.02 13.56
N TYR A 265 22.74 -4.83 12.26
CA TYR A 265 22.22 -5.97 11.47
C TYR A 265 22.38 -5.64 9.99
N GLU A 266 22.87 -6.60 9.22
CA GLU A 266 22.96 -6.40 7.75
C GLU A 266 22.37 -7.62 7.04
N GLU A 267 21.46 -7.42 6.08
CA GLU A 267 20.95 -8.52 5.32
C GLU A 267 21.57 -8.46 3.92
N HIS A 268 22.54 -9.36 3.66
CA HIS A 268 23.27 -9.34 2.39
C HIS A 268 22.46 -10.00 1.25
N ASN A 269 21.42 -10.80 1.55
CA ASN A 269 20.78 -11.57 0.43
C ASN A 269 19.69 -10.66 -0.22
N PRO A 270 19.83 -10.34 -1.52
CA PRO A 270 18.94 -9.39 -2.19
C PRO A 270 17.49 -9.81 -2.29
N LEU A 271 17.20 -11.09 -2.05
CA LEU A 271 15.75 -11.51 -1.99
C LEU A 271 15.07 -10.85 -0.81
N PHE A 272 15.86 -10.55 0.24
CA PHE A 272 15.30 -10.16 1.55
C PHE A 272 15.49 -8.71 1.85
N SER A 273 14.50 -8.12 2.52
N SER A 273 14.50 -8.14 2.56
CA SER A 273 14.69 -6.78 3.03
CA SER A 273 14.64 -6.78 3.04
C SER A 273 14.75 -6.86 4.54
C SER A 273 14.54 -6.68 4.57
N ALA A 274 15.46 -5.89 5.13
CA ALA A 274 15.60 -5.75 6.62
C ALA A 274 14.42 -4.94 7.16
N PHE A 275 14.04 -5.19 8.42
CA PHE A 275 12.88 -4.44 9.01
C PHE A 275 13.19 -4.37 10.50
N MET A 276 12.48 -3.49 11.19
N MET A 276 12.58 -3.40 11.19
CA MET A 276 12.60 -3.38 12.60
CA MET A 276 12.63 -3.32 12.65
C MET A 276 11.32 -2.72 13.19
C MET A 276 11.28 -2.77 13.15
N TYR A 277 10.92 -3.11 14.39
CA TYR A 277 9.83 -2.44 15.06
C TYR A 277 9.98 -2.72 16.57
N LYS A 278 9.37 -1.84 17.40
CA LYS A 278 9.43 -2.02 18.85
C LYS A 278 8.23 -2.85 19.34
N ALA A 279 8.47 -3.75 20.32
CA ALA A 279 7.43 -4.54 20.94
C ALA A 279 6.48 -3.50 21.63
N ALA A 280 5.22 -3.85 21.75
CA ALA A 280 4.22 -2.95 22.31
C ALA A 280 4.53 -2.59 23.78
N ASP A 281 5.16 -3.45 24.58
CA ASP A 281 5.48 -2.99 25.95
C ASP A 281 6.81 -2.14 26.01
N THR A 282 7.45 -1.93 24.85
CA THR A 282 8.69 -1.10 24.68
C THR A 282 9.97 -1.73 25.18
N ASN A 283 9.87 -2.99 25.60
CA ASN A 283 11.07 -3.63 26.18
C ASN A 283 11.98 -4.34 25.19
N THR A 284 11.56 -4.55 23.96
CA THR A 284 12.32 -5.39 23.04
C THR A 284 12.16 -4.69 21.65
N LEU A 285 13.23 -4.76 20.86
CA LEU A 285 13.15 -4.36 19.44
C LEU A 285 13.18 -5.69 18.67
N CYS A 286 12.26 -5.87 17.75
CA CYS A 286 12.30 -6.97 16.75
C CYS A 286 13.00 -6.45 15.49
N ILE A 287 14.04 -7.18 15.06
CA ILE A 287 14.80 -6.85 13.83
C ILE A 287 14.86 -8.12 12.99
N GLY A 288 14.68 -7.99 11.70
CA GLY A 288 14.82 -9.19 10.90
C GLY A 288 14.84 -8.92 9.42
N SER A 289 14.59 -10.00 8.69
CA SER A 289 14.63 -10.01 7.24
C SER A 289 13.37 -10.68 6.71
N GLN A 290 12.84 -10.23 5.57
CA GLN A 290 11.70 -10.94 4.97
C GLN A 290 11.81 -10.86 3.47
N SER A 291 11.37 -11.95 2.85
CA SER A 291 11.25 -12.02 1.40
C SER A 291 9.84 -12.60 1.23
N PRO A 292 9.31 -12.65 -0.01
CA PRO A 292 7.91 -13.10 -0.14
C PRO A 292 7.75 -14.53 0.44
N GLU A 293 8.72 -15.39 0.26
CA GLU A 293 8.60 -16.79 0.77
C GLU A 293 9.03 -16.99 2.25
N THR A 294 9.83 -16.11 2.84
CA THR A 294 10.64 -16.54 4.02
C THR A 294 10.83 -15.37 4.98
N ALA A 295 10.79 -15.64 6.30
CA ALA A 295 11.07 -14.56 7.25
C ALA A 295 12.14 -15.05 8.22
N GLU A 296 12.81 -14.09 8.87
CA GLU A 296 13.69 -14.43 9.97
C GLU A 296 13.65 -13.27 10.96
N VAL A 297 13.45 -13.59 12.27
CA VAL A 297 13.30 -12.46 13.28
C VAL A 297 14.39 -12.65 14.33
N HIS A 298 14.92 -11.55 14.79
CA HIS A 298 15.88 -11.51 15.94
C HIS A 298 15.28 -10.53 16.95
N LEU A 299 15.58 -10.74 18.22
CA LEU A 299 15.15 -9.86 19.30
C LEU A 299 16.37 -9.11 19.87
N LEU A 300 16.16 -7.83 20.15
CA LEU A 300 17.18 -7.04 20.86
C LEU A 300 16.56 -6.58 22.19
N ASP A 301 17.12 -7.00 23.30
CA ASP A 301 16.60 -6.58 24.63
C ASP A 301 16.88 -5.06 24.78
N LEU A 302 15.86 -4.25 25.06
CA LEU A 302 16.06 -2.77 25.36
C LEU A 302 16.21 -2.40 26.86
N ARG A 303 16.24 -3.44 27.74
CA ARG A 303 16.36 -3.32 29.22
CA ARG A 303 16.36 -3.24 29.19
C ARG A 303 17.81 -3.35 29.68
N LYS A 304 18.78 -3.46 28.76
CA LYS A 304 20.21 -3.61 29.19
C LYS A 304 21.12 -2.46 28.75
N GLY A 305 20.53 -1.26 28.69
CA GLY A 305 21.31 -0.05 28.46
C GLY A 305 21.46 0.24 26.97
N ASN A 306 22.08 1.40 26.68
CA ASN A 306 22.26 1.93 25.30
C ASN A 306 23.45 1.38 24.49
N ALA A 307 24.23 0.47 25.08
CA ALA A 307 25.32 -0.20 24.41
C ALA A 307 25.10 -1.70 24.11
N HIS A 308 23.96 -2.25 24.56
CA HIS A 308 23.60 -3.65 24.30
C HIS A 308 23.14 -3.81 22.84
N ASN A 309 23.96 -4.45 22.00
CA ASN A 309 23.65 -4.59 20.57
C ASN A 309 23.46 -6.07 20.16
N THR A 310 23.50 -6.98 21.16
CA THR A 310 23.48 -8.43 20.85
C THR A 310 22.06 -8.94 20.52
N LEU A 311 21.93 -9.59 19.36
CA LEU A 311 20.64 -10.07 18.87
C LEU A 311 20.40 -11.49 19.31
N GLU A 312 19.15 -11.89 19.50
CA GLU A 312 18.74 -13.25 19.86
C GLU A 312 17.91 -13.77 18.68
N ILE A 313 18.37 -14.82 18.04
CA ILE A 313 17.64 -15.40 16.86
CA ILE A 313 17.61 -15.29 16.85
C ILE A 313 16.33 -16.02 17.35
N VAL A 314 15.21 -15.80 16.65
CA VAL A 314 14.02 -16.54 17.03
C VAL A 314 14.04 -17.97 16.40
N ARG A 315 13.87 -18.04 15.07
CA ARG A 315 14.06 -19.28 14.37
C ARG A 315 14.88 -19.00 13.11
N PRO A 316 16.02 -19.73 12.91
CA PRO A 316 16.81 -19.47 11.64
C PRO A 316 15.87 -19.61 10.41
N ARG A 317 16.11 -18.77 9.40
CA ARG A 317 15.33 -18.79 8.12
C ARG A 317 15.18 -20.20 7.55
N GLU A 318 13.99 -20.54 7.06
CA GLU A 318 13.82 -21.80 6.36
C GLU A 318 12.99 -21.39 5.17
N LYS A 319 13.48 -21.65 3.96
CA LYS A 319 12.73 -21.19 2.78
C LYS A 319 11.25 -21.62 2.75
N GLY A 320 10.32 -20.65 2.57
CA GLY A 320 8.93 -21.06 2.45
C GLY A 320 8.21 -20.87 3.82
N VAL A 321 8.98 -20.65 4.92
CA VAL A 321 8.41 -20.41 6.23
C VAL A 321 8.41 -18.91 6.56
N ARG A 322 7.19 -18.36 6.72
N ARG A 322 7.21 -18.32 6.70
CA ARG A 322 6.98 -16.99 7.11
CA ARG A 322 7.09 -16.94 7.14
C ARG A 322 6.53 -16.95 8.55
C ARG A 322 6.56 -16.94 8.54
N TYR A 323 6.99 -15.96 9.31
CA TYR A 323 6.40 -15.74 10.63
C TYR A 323 6.59 -14.35 11.07
N ASP A 324 5.70 -13.98 12.02
CA ASP A 324 5.69 -12.66 12.58
C ASP A 324 5.76 -12.81 14.09
N VAL A 325 6.45 -11.90 14.79
CA VAL A 325 6.57 -12.07 16.26
C VAL A 325 5.99 -10.87 16.96
N GLN A 326 5.06 -11.11 17.89
CA GLN A 326 4.54 -10.02 18.67
C GLN A 326 4.81 -10.43 20.14
N MET A 327 5.63 -9.66 20.81
CA MET A 327 6.05 -10.04 22.19
C MET A 327 4.85 -9.85 23.18
N HIS A 328 4.67 -10.86 24.08
CA HIS A 328 3.74 -10.70 25.22
C HIS A 328 4.65 -10.45 26.39
N GLY A 329 4.81 -9.17 26.77
CA GLY A 329 5.82 -8.77 27.75
C GLY A 329 7.22 -9.13 27.17
N THR A 330 8.10 -9.58 28.03
CA THR A 330 9.42 -10.08 27.58
C THR A 330 9.52 -11.63 27.59
N SER A 331 8.60 -12.34 28.25
N SER A 331 8.58 -12.33 28.23
CA SER A 331 8.74 -13.80 28.45
CA SER A 331 8.72 -13.75 28.52
C SER A 331 8.31 -14.66 27.28
C SER A 331 8.19 -14.69 27.42
N HIS A 332 7.27 -14.21 26.58
CA HIS A 332 6.66 -15.06 25.56
C HIS A 332 6.57 -14.35 24.19
N LEU A 333 6.78 -15.13 23.10
CA LEU A 333 6.65 -14.63 21.74
C LEU A 333 5.31 -15.17 21.22
N VAL A 334 4.40 -14.30 20.81
CA VAL A 334 3.19 -14.77 20.13
C VAL A 334 3.54 -14.73 18.63
N ILE A 335 3.46 -15.91 17.98
CA ILE A 335 4.03 -16.10 16.63
C ILE A 335 2.89 -16.49 15.69
N LEU A 336 2.73 -15.69 14.62
CA LEU A 336 1.74 -15.95 13.59
C LEU A 336 2.62 -16.57 12.43
N THR A 337 2.25 -17.74 11.91
CA THR A 337 3.15 -18.39 10.94
C THR A 337 2.37 -19.28 9.98
N ASN A 338 2.98 -19.55 8.80
CA ASN A 338 2.38 -20.49 7.87
C ASN A 338 3.11 -21.90 8.01
N GLU A 339 4.02 -22.07 9.00
CA GLU A 339 4.78 -23.28 9.10
C GLU A 339 3.93 -24.58 9.10
N GLY A 340 4.48 -25.63 8.47
CA GLY A 340 3.90 -27.03 8.52
C GLY A 340 2.51 -26.99 7.85
N GLY A 341 2.46 -26.31 6.72
CA GLY A 341 1.25 -26.35 5.92
C GLY A 341 0.05 -25.45 6.37
N ALA A 342 0.31 -24.50 7.29
CA ALA A 342 -0.75 -23.66 7.82
C ALA A 342 -0.98 -22.50 6.82
N VAL A 343 -1.66 -22.77 5.69
CA VAL A 343 -1.77 -21.80 4.61
C VAL A 343 -2.46 -20.50 5.11
N ASN A 344 -3.51 -20.67 5.91
CA ASN A 344 -4.29 -19.52 6.42
C ASN A 344 -3.73 -19.01 7.76
N HIS A 345 -2.64 -19.65 8.23
CA HIS A 345 -1.73 -19.29 9.38
C HIS A 345 -2.24 -19.87 10.65
N LYS A 346 -1.32 -20.10 11.59
CA LYS A 346 -1.71 -20.55 12.90
C LYS A 346 -1.00 -19.62 13.90
N LEU A 347 -1.41 -19.69 15.17
CA LEU A 347 -0.85 -18.81 16.22
C LEU A 347 -0.22 -19.70 17.26
N LEU A 348 1.00 -19.41 17.62
N LEU A 348 1.05 -19.41 17.55
CA LEU A 348 1.56 -20.23 18.66
CA LEU A 348 1.84 -20.23 18.46
C LEU A 348 2.27 -19.32 19.65
C LEU A 348 2.31 -19.32 19.62
N ILE A 349 2.69 -19.88 20.78
CA ILE A 349 3.38 -19.07 21.82
C ILE A 349 4.71 -19.76 22.14
N ALA A 350 5.83 -19.08 21.95
CA ALA A 350 7.12 -19.68 22.26
C ALA A 350 7.73 -18.96 23.48
N PRO A 351 8.51 -19.70 24.30
CA PRO A 351 9.19 -19.06 25.44
C PRO A 351 10.45 -18.23 24.96
N ARG A 352 10.70 -17.10 25.60
CA ARG A 352 11.80 -16.17 25.31
C ARG A 352 13.11 -16.96 25.37
N GLY A 353 13.16 -17.87 26.32
CA GLY A 353 14.38 -18.66 26.58
C GLY A 353 14.61 -19.76 25.53
N GLN A 354 13.60 -20.13 24.70
CA GLN A 354 13.84 -21.19 23.68
C GLN A 354 12.88 -20.79 22.54
N PRO A 355 13.24 -19.68 21.85
CA PRO A 355 12.18 -19.09 20.99
C PRO A 355 11.87 -19.90 19.69
N SER A 356 12.69 -20.93 19.39
CA SER A 356 12.41 -21.85 18.26
C SER A 356 11.56 -23.07 18.75
N ASP A 357 11.15 -23.07 20.02
CA ASP A 357 10.27 -24.16 20.51
C ASP A 357 8.82 -23.68 20.12
N TRP A 358 8.35 -24.28 19.03
CA TRP A 358 7.08 -23.90 18.33
C TRP A 358 5.98 -24.94 18.62
N SER A 359 6.17 -25.68 19.70
CA SER A 359 5.31 -26.84 20.01
C SER A 359 3.96 -26.38 20.66
N HIS A 360 3.86 -25.14 21.17
CA HIS A 360 2.65 -24.74 21.97
C HIS A 360 1.70 -23.92 21.06
N VAL A 361 0.68 -24.58 20.53
CA VAL A 361 -0.21 -23.98 19.54
C VAL A 361 -1.31 -23.27 20.34
N LEU A 362 -1.58 -21.97 20.04
CA LEU A 362 -2.66 -21.21 20.71
C LEU A 362 -3.93 -21.28 19.87
N VAL A 363 -3.79 -21.14 18.53
CA VAL A 363 -4.90 -21.22 17.62
C VAL A 363 -4.45 -21.98 16.38
N ASP A 364 -5.02 -23.16 16.09
N ASP A 364 -5.13 -23.12 16.14
CA ASP A 364 -4.48 -23.92 14.96
CA ASP A 364 -4.92 -24.03 15.00
C ASP A 364 -5.06 -23.32 13.68
C ASP A 364 -5.24 -23.34 13.68
N HIS A 365 -4.49 -23.78 12.58
N HIS A 365 -4.57 -23.79 12.60
CA HIS A 365 -4.89 -23.36 11.25
CA HIS A 365 -4.95 -23.31 11.27
C HIS A 365 -6.34 -23.79 10.99
C HIS A 365 -6.31 -23.86 10.87
N SER A 366 -7.01 -23.04 10.13
CA SER A 366 -8.40 -23.31 9.69
C SER A 366 -8.56 -23.08 8.17
N GLU A 367 -9.45 -23.82 7.54
N GLU A 367 -9.48 -23.84 7.58
CA GLU A 367 -9.66 -23.64 6.10
CA GLU A 367 -9.86 -23.69 6.17
C GLU A 367 -10.52 -22.40 5.85
C GLU A 367 -10.62 -22.36 6.01
N ASP A 368 -11.25 -21.94 6.86
N ASP A 368 -11.41 -21.99 7.01
CA ASP A 368 -12.13 -20.79 6.63
CA ASP A 368 -12.31 -20.84 6.84
C ASP A 368 -11.64 -19.43 7.18
C ASP A 368 -11.79 -19.46 7.31
N VAL A 369 -10.85 -19.48 8.27
CA VAL A 369 -10.35 -18.25 8.90
C VAL A 369 -8.91 -17.99 8.52
N PHE A 370 -8.68 -16.84 7.87
CA PHE A 370 -7.34 -16.45 7.49
C PHE A 370 -6.90 -15.40 8.48
N MET A 371 -5.88 -15.71 9.31
CA MET A 371 -5.35 -14.75 10.33
C MET A 371 -4.21 -13.94 9.69
N GLU A 372 -4.42 -12.62 9.49
CA GLU A 372 -3.47 -11.82 8.71
C GLU A 372 -2.46 -11.06 9.56
N SER A 373 -2.89 -10.55 10.69
N SER A 373 -2.94 -10.47 10.67
CA SER A 373 -1.97 -9.86 11.59
CA SER A 373 -2.14 -9.59 11.54
C SER A 373 -2.52 -9.92 12.98
C SER A 373 -2.57 -9.65 13.00
N ILE A 374 -1.66 -9.55 13.90
N ILE A 374 -1.60 -9.58 13.91
CA ILE A 374 -1.97 -9.71 15.34
CA ILE A 374 -1.88 -9.75 15.35
C ILE A 374 -1.33 -8.55 16.11
C ILE A 374 -1.31 -8.56 16.14
N ALA A 375 -2.10 -7.99 17.06
CA ALA A 375 -1.59 -6.97 18.02
C ALA A 375 -1.72 -7.64 19.39
N VAL A 376 -0.61 -7.71 20.13
CA VAL A 376 -0.64 -8.24 21.50
C VAL A 376 -0.49 -7.12 22.52
N ARG A 377 -1.42 -7.10 23.51
CA ARG A 377 -1.37 -6.07 24.56
C ARG A 377 -1.28 -6.81 25.94
N SER A 378 -1.35 -6.05 27.04
N SER A 378 -1.31 -6.06 27.05
CA SER A 378 -0.97 -6.63 28.31
CA SER A 378 -1.01 -6.67 28.36
C SER A 378 -1.91 -7.78 28.78
C SER A 378 -1.89 -7.90 28.58
N ASN A 379 -3.20 -7.71 28.45
CA ASN A 379 -4.14 -8.74 28.91
C ASN A 379 -5.09 -9.22 27.79
N TYR A 380 -4.75 -8.92 26.53
CA TYR A 380 -5.54 -9.43 25.44
C TYR A 380 -4.71 -9.40 24.18
N LEU A 381 -5.22 -10.11 23.17
CA LEU A 381 -4.63 -9.99 21.79
C LEU A 381 -5.82 -9.75 20.82
N VAL A 382 -5.51 -9.21 19.66
N VAL A 382 -5.51 -9.15 19.69
CA VAL A 382 -6.50 -9.00 18.69
CA VAL A 382 -6.44 -8.90 18.64
C VAL A 382 -5.94 -9.38 17.31
C VAL A 382 -5.88 -9.48 17.36
N VAL A 383 -6.72 -10.14 16.57
CA VAL A 383 -6.31 -10.68 15.27
C VAL A 383 -7.16 -10.00 14.16
N ALA A 384 -6.52 -9.44 13.13
CA ALA A 384 -7.18 -8.99 11.94
C ALA A 384 -7.05 -10.10 10.86
N GLY A 385 -8.13 -10.39 10.14
CA GLY A 385 -7.98 -11.38 9.06
C GLY A 385 -9.27 -11.40 8.27
N ARG A 386 -9.64 -12.59 7.75
CA ARG A 386 -10.78 -12.62 6.79
C ARG A 386 -11.53 -13.91 7.01
N ARG A 387 -12.83 -13.86 6.76
CA ARG A 387 -13.61 -15.10 6.83
C ARG A 387 -14.82 -14.82 5.92
N ALA A 388 -15.13 -15.80 5.10
CA ALA A 388 -16.35 -15.72 4.21
C ALA A 388 -16.25 -14.46 3.33
N GLY A 389 -15.02 -14.15 2.91
CA GLY A 389 -14.84 -13.12 1.83
C GLY A 389 -14.64 -11.72 2.39
N LEU A 390 -14.78 -11.51 3.73
CA LEU A 390 -14.77 -10.17 4.31
C LEU A 390 -13.72 -10.06 5.44
N THR A 391 -13.15 -8.86 5.61
CA THR A 391 -12.32 -8.59 6.80
C THR A 391 -13.13 -8.85 8.06
N ARG A 392 -12.44 -9.40 9.08
CA ARG A 392 -12.99 -9.57 10.45
C ARG A 392 -11.93 -9.24 11.46
N ILE A 393 -12.40 -8.94 12.67
N ILE A 393 -12.39 -9.03 12.68
CA ILE A 393 -11.54 -8.78 13.87
CA ILE A 393 -11.49 -8.87 13.82
C ILE A 393 -11.91 -9.95 14.79
C ILE A 393 -11.89 -9.86 14.90
N TRP A 394 -10.91 -10.60 15.46
CA TRP A 394 -11.24 -11.54 16.55
C TRP A 394 -10.43 -11.06 17.78
N THR A 395 -10.95 -11.34 18.97
CA THR A 395 -10.20 -10.98 20.18
C THR A 395 -10.00 -12.24 21.05
N MET A 396 -8.99 -12.19 21.94
CA MET A 396 -8.83 -13.25 22.97
C MET A 396 -8.33 -12.56 24.24
N MET A 397 -9.04 -12.73 25.37
CA MET A 397 -8.47 -12.31 26.68
C MET A 397 -7.40 -13.30 27.15
N ALA A 398 -6.37 -12.75 27.82
CA ALA A 398 -5.47 -13.58 28.63
C ALA A 398 -6.27 -14.12 29.85
N ASP A 399 -5.80 -15.25 30.42
CA ASP A 399 -6.41 -15.86 31.58
C ASP A 399 -6.31 -14.83 32.77
N SER A 400 -7.42 -14.57 33.42
CA SER A 400 -7.44 -13.57 34.42
C SER A 400 -6.61 -14.02 35.71
N GLN A 401 -6.31 -15.32 35.90
CA GLN A 401 -5.55 -15.79 37.11
C GLN A 401 -4.06 -15.57 36.97
N ASP A 402 -3.53 -15.62 35.75
CA ASP A 402 -2.05 -15.57 35.59
C ASP A 402 -1.59 -14.65 34.44
N GLY A 403 -2.53 -14.09 33.66
CA GLY A 403 -2.15 -13.19 32.58
C GLY A 403 -1.61 -13.91 31.35
N VAL A 404 -1.79 -15.23 31.25
CA VAL A 404 -1.21 -16.02 30.15
C VAL A 404 -2.28 -16.35 29.11
N PHE A 405 -1.92 -16.34 27.82
CA PHE A 405 -2.90 -16.80 26.78
C PHE A 405 -3.01 -18.32 26.78
N LYS A 406 -4.26 -18.83 26.74
CA LYS A 406 -4.53 -20.28 26.85
C LYS A 406 -5.28 -20.76 25.63
N ALA A 407 -4.91 -21.91 25.06
CA ALA A 407 -5.60 -22.43 23.83
C ALA A 407 -7.09 -22.75 24.03
N GLY A 408 -7.46 -23.04 25.27
CA GLY A 408 -8.89 -23.39 25.49
C GLY A 408 -9.84 -22.19 25.39
N THR A 409 -9.32 -20.95 25.57
CA THR A 409 -10.08 -19.72 25.40
CA THR A 409 -10.07 -19.69 25.41
C THR A 409 -10.59 -19.54 23.96
N GLY A 410 -9.76 -19.69 22.98
CA GLY A 410 -10.30 -19.56 21.57
C GLY A 410 -10.53 -18.09 21.14
N LEU A 411 -10.55 -17.79 19.84
CA LEU A 411 -10.87 -16.44 19.33
C LEU A 411 -12.39 -16.13 19.30
N ARG A 412 -12.68 -14.91 19.62
CA ARG A 412 -14.07 -14.43 19.67
C ARG A 412 -14.20 -13.38 18.58
N GLU A 413 -15.07 -13.66 17.59
CA GLU A 413 -15.15 -12.80 16.44
C GLU A 413 -15.96 -11.54 16.85
N VAL A 414 -15.54 -10.35 16.38
CA VAL A 414 -16.35 -9.14 16.56
C VAL A 414 -17.50 -9.19 15.51
N VAL A 415 -18.76 -9.40 15.95
CA VAL A 415 -19.83 -9.77 15.04
C VAL A 415 -20.28 -8.47 14.39
N MET A 416 -20.42 -8.42 13.06
N MET A 416 -20.43 -8.52 13.06
CA MET A 416 -20.84 -7.21 12.38
CA MET A 416 -20.94 -7.45 12.29
C MET A 416 -22.04 -7.53 11.53
C MET A 416 -22.40 -7.69 11.86
N GLU A 417 -23.03 -6.59 11.58
CA GLU A 417 -24.48 -6.70 11.18
C GLU A 417 -24.64 -6.68 9.64
N GLU A 418 -23.73 -6.00 8.96
CA GLU A 418 -23.89 -5.70 7.53
C GLU A 418 -23.35 -6.81 6.62
N PRO A 419 -23.99 -7.02 5.46
CA PRO A 419 -23.42 -8.07 4.57
C PRO A 419 -22.14 -7.66 3.83
N ILE A 420 -21.87 -6.35 3.68
CA ILE A 420 -20.72 -5.85 2.90
C ILE A 420 -20.10 -4.66 3.68
N PHE A 421 -18.82 -4.77 4.03
CA PHE A 421 -18.15 -3.73 4.83
C PHE A 421 -16.68 -4.08 4.84
N THR A 422 -15.91 -3.15 5.39
CA THR A 422 -14.48 -3.38 5.59
C THR A 422 -14.14 -2.89 6.96
N VAL A 423 -13.37 -3.69 7.72
N VAL A 423 -13.47 -3.72 7.73
CA VAL A 423 -12.96 -3.28 9.05
CA VAL A 423 -12.95 -3.26 9.00
C VAL A 423 -11.44 -3.41 9.15
C VAL A 423 -11.43 -3.30 8.95
N HIS A 424 -10.83 -2.40 9.72
CA HIS A 424 -9.34 -2.46 9.94
C HIS A 424 -8.94 -2.30 11.40
N LEU A 425 -7.86 -2.97 11.84
CA LEU A 425 -7.33 -2.79 13.16
C LEU A 425 -6.32 -1.62 13.03
N VAL A 426 -6.43 -0.59 13.85
CA VAL A 426 -5.66 0.60 13.62
C VAL A 426 -4.46 0.61 14.68
N GLU A 427 -3.45 -0.26 14.44
CA GLU A 427 -2.38 -0.38 15.43
C GLU A 427 -1.59 0.94 15.63
N SER A 428 -1.57 1.82 14.61
CA SER A 428 -0.88 3.08 14.72
C SER A 428 -1.54 4.06 15.74
N GLN A 429 -2.77 3.74 16.18
CA GLN A 429 -3.44 4.52 17.22
C GLN A 429 -3.59 3.66 18.48
N MET A 430 -2.71 2.67 18.67
CA MET A 430 -2.78 1.79 19.88
C MET A 430 -1.40 1.76 20.45
N LEU A 431 -1.09 2.78 21.23
N LEU A 431 -1.14 2.80 21.24
CA LEU A 431 0.28 2.92 21.71
CA LEU A 431 0.20 3.11 21.72
C LEU A 431 0.48 2.34 23.15
C LEU A 431 0.52 2.70 23.16
N GLU A 432 -0.54 2.54 24.00
CA GLU A 432 -0.36 2.20 25.45
C GLU A 432 -0.56 0.66 25.62
N TYR A 433 0.45 -0.01 26.18
CA TYR A 433 0.42 -1.44 26.25
C TYR A 433 -0.72 -1.98 27.17
N GLU A 434 -1.10 -1.17 28.20
CA GLU A 434 -2.12 -1.56 29.19
C GLU A 434 -3.48 -0.94 28.83
N GLU A 435 -3.56 -0.23 27.67
CA GLU A 435 -4.87 0.35 27.35
C GLU A 435 -5.97 -0.78 27.26
N PRO A 436 -7.16 -0.56 27.90
CA PRO A 436 -8.12 -1.69 27.96
C PRO A 436 -9.01 -1.72 26.68
N THR A 437 -8.76 -0.88 25.65
CA THR A 437 -9.55 -0.97 24.40
C THR A 437 -8.55 -1.07 23.25
N PHE A 438 -9.01 -1.54 22.11
CA PHE A 438 -8.28 -1.41 20.87
C PHE A 438 -9.03 -0.50 19.89
N ARG A 439 -8.31 -0.04 18.84
CA ARG A 439 -8.84 0.92 17.88
C ARG A 439 -9.19 0.18 16.51
N MET A 440 -10.46 0.22 16.11
CA MET A 440 -11.01 -0.44 14.92
C MET A 440 -11.60 0.67 14.09
N GLU A 441 -11.38 0.56 12.79
CA GLU A 441 -12.03 1.50 11.86
C GLU A 441 -12.90 0.69 10.91
N TYR A 442 -14.09 1.22 10.63
CA TYR A 442 -15.12 0.51 9.89
C TYR A 442 -15.67 1.41 8.74
N SER A 443 -15.89 0.89 7.53
CA SER A 443 -16.54 1.61 6.47
C SER A 443 -17.20 0.64 5.49
N SER A 444 -17.89 1.17 4.48
CA SER A 444 -18.29 0.35 3.37
C SER A 444 -18.21 1.28 2.13
N LEU A 445 -18.52 0.73 0.96
CA LEU A 445 -18.40 1.52 -0.31
C LEU A 445 -19.13 2.85 -0.30
N ALA A 446 -20.26 2.92 0.41
CA ALA A 446 -20.92 4.23 0.53
C ALA A 446 -21.12 4.65 1.96
N THR A 447 -20.37 4.10 2.90
CA THR A 447 -20.54 4.48 4.30
C THR A 447 -19.23 5.03 4.85
N PRO A 448 -19.12 6.36 5.10
CA PRO A 448 -17.84 6.99 5.53
C PRO A 448 -17.26 6.30 6.74
N ASN A 449 -15.92 6.27 6.87
CA ASN A 449 -15.22 5.55 7.98
C ASN A 449 -15.64 6.07 9.37
N THR A 450 -15.70 5.14 10.28
CA THR A 450 -15.87 5.40 11.73
C THR A 450 -14.75 4.71 12.47
N TRP A 451 -14.17 5.39 13.43
CA TRP A 451 -13.12 4.86 14.27
C TRP A 451 -13.76 4.65 15.65
N PHE A 452 -13.58 3.45 16.19
CA PHE A 452 -14.12 3.06 17.51
C PHE A 452 -13.00 2.65 18.46
N ASP A 453 -13.19 2.98 19.75
CA ASP A 453 -12.52 2.22 20.81
C ASP A 453 -13.40 1.01 21.12
N VAL A 454 -12.79 -0.19 21.16
CA VAL A 454 -13.52 -1.42 21.38
C VAL A 454 -12.98 -2.21 22.57
N SER A 455 -13.89 -2.73 23.44
CA SER A 455 -13.43 -3.59 24.52
C SER A 455 -13.17 -5.04 23.96
N PRO A 456 -12.02 -5.61 24.23
CA PRO A 456 -11.84 -7.04 23.89
CA PRO A 456 -11.84 -7.05 23.88
C PRO A 456 -12.52 -8.01 24.86
N GLN A 457 -13.03 -7.50 25.98
CA GLN A 457 -13.77 -8.34 26.94
C GLN A 457 -15.23 -8.61 26.47
N ASP A 458 -15.95 -7.58 26.01
CA ASP A 458 -17.42 -7.77 25.71
C ASP A 458 -17.78 -7.17 24.35
N HIS A 459 -16.78 -6.60 23.64
CA HIS A 459 -16.96 -6.04 22.26
C HIS A 459 -17.88 -4.81 22.26
N SER A 460 -18.11 -4.25 23.44
CA SER A 460 -18.73 -2.92 23.50
C SER A 460 -17.78 -1.89 22.83
N ARG A 461 -18.36 -0.81 22.35
N ARG A 461 -18.37 -0.83 22.29
CA ARG A 461 -17.59 0.16 21.59
CA ARG A 461 -17.65 0.11 21.41
C ARG A 461 -18.11 1.58 21.78
C ARG A 461 -18.16 1.55 21.60
N THR A 462 -17.22 2.52 21.48
CA THR A 462 -17.55 3.92 21.55
C THR A 462 -16.93 4.55 20.33
N ALA A 463 -17.70 5.25 19.52
CA ALA A 463 -17.15 6.00 18.34
C ALA A 463 -16.30 7.20 18.82
N VAL A 464 -15.12 7.28 18.30
CA VAL A 464 -14.10 8.29 18.59
C VAL A 464 -14.13 9.32 17.46
N LYS A 465 -14.37 8.88 16.20
CA LYS A 465 -14.44 9.85 15.07
C LYS A 465 -15.34 9.20 14.01
N VAL A 466 -16.14 10.03 13.36
CA VAL A 466 -16.90 9.65 12.19
C VAL A 466 -16.52 10.60 11.08
N ARG A 467 -16.03 10.06 9.96
CA ARG A 467 -15.63 10.92 8.85
C ARG A 467 -16.88 11.70 8.30
N GLU A 468 -16.80 13.04 8.29
N GLU A 468 -16.77 13.02 8.29
CA GLU A 468 -17.84 13.88 7.70
CA GLU A 468 -17.78 13.91 7.72
C GLU A 468 -17.55 14.09 6.25
C GLU A 468 -17.52 14.01 6.23
N VAL A 469 -18.56 13.87 5.40
CA VAL A 469 -18.39 14.01 3.91
C VAL A 469 -19.50 15.04 3.52
N GLY A 470 -19.14 16.23 3.03
CA GLY A 470 -20.14 17.26 2.71
C GLY A 470 -20.55 17.22 1.24
N GLY A 471 -20.76 18.42 0.66
CA GLY A 471 -21.24 18.50 -0.73
C GLY A 471 -22.50 17.73 -1.01
N GLY A 472 -23.34 17.55 0.01
CA GLY A 472 -24.63 16.88 -0.27
C GLY A 472 -24.58 15.40 -0.19
N PHE A 473 -23.41 14.87 0.15
CA PHE A 473 -23.21 13.38 0.18
C PHE A 473 -24.24 12.78 1.21
N ASP A 474 -24.84 11.65 0.84
CA ASP A 474 -25.60 10.87 1.77
C ASP A 474 -25.44 9.37 1.45
N ALA A 475 -25.09 8.60 2.49
CA ALA A 475 -24.83 7.15 2.33
C ALA A 475 -26.07 6.47 1.72
N ALA A 476 -27.26 6.97 2.08
CA ALA A 476 -28.53 6.32 1.62
C ALA A 476 -28.89 6.65 0.15
N ASN A 477 -28.09 7.49 -0.51
CA ASN A 477 -28.18 7.69 -1.98
C ASN A 477 -27.67 6.57 -2.85
N TYR A 478 -27.05 5.55 -2.26
CA TYR A 478 -26.30 4.54 -3.04
C TYR A 478 -26.73 3.13 -2.65
N LYS A 479 -26.71 2.24 -3.61
CA LYS A 479 -27.05 0.84 -3.40
C LYS A 479 -25.69 0.11 -3.52
N VAL A 480 -25.43 -0.84 -2.59
CA VAL A 480 -24.20 -1.59 -2.55
C VAL A 480 -24.61 -3.09 -2.66
N GLU A 481 -23.97 -3.83 -3.57
CA GLU A 481 -24.32 -5.22 -3.83
C GLU A 481 -23.06 -6.06 -4.02
N ARG A 482 -23.23 -7.35 -3.80
CA ARG A 482 -22.18 -8.34 -4.07
C ARG A 482 -22.69 -9.21 -5.22
N ARG A 483 -21.89 -9.38 -6.27
N ARG A 483 -21.90 -9.36 -6.28
CA ARG A 483 -22.29 -10.22 -7.40
CA ARG A 483 -22.27 -10.19 -7.45
C ARG A 483 -21.12 -11.19 -7.65
C ARG A 483 -21.13 -11.20 -7.64
N PHE A 484 -21.31 -12.20 -8.52
CA PHE A 484 -20.29 -13.19 -8.76
C PHE A 484 -20.13 -13.52 -10.23
N ALA A 485 -18.94 -13.32 -10.74
CA ALA A 485 -18.57 -13.71 -12.12
C ALA A 485 -18.08 -15.17 -12.07
N THR A 486 -17.96 -15.80 -13.22
CA THR A 486 -17.44 -17.21 -13.21
C THR A 486 -16.22 -17.22 -14.09
N ALA A 487 -15.05 -17.59 -13.53
CA ALA A 487 -13.86 -17.68 -14.34
C ALA A 487 -13.89 -18.93 -15.25
N PRO A 488 -12.90 -19.04 -16.21
CA PRO A 488 -12.91 -20.24 -17.07
C PRO A 488 -12.84 -21.55 -16.28
N ASP A 489 -12.11 -21.55 -15.14
CA ASP A 489 -12.03 -22.80 -14.41
C ASP A 489 -13.23 -23.04 -13.46
N GLN A 490 -14.26 -22.20 -13.63
CA GLN A 490 -15.53 -22.26 -12.89
C GLN A 490 -15.46 -21.66 -11.47
N THR A 491 -14.32 -21.10 -11.05
CA THR A 491 -14.25 -20.45 -9.76
C THR A 491 -15.17 -19.19 -9.82
N LYS A 492 -15.87 -18.92 -8.73
CA LYS A 492 -16.77 -17.73 -8.64
C LYS A 492 -15.88 -16.57 -8.16
N ILE A 493 -15.91 -15.48 -8.92
CA ILE A 493 -15.07 -14.32 -8.64
C ILE A 493 -15.99 -13.24 -8.04
N PRO A 494 -15.79 -12.86 -6.78
CA PRO A 494 -16.73 -11.84 -6.18
C PRO A 494 -16.52 -10.45 -6.80
N LEU A 495 -17.59 -9.72 -7.00
CA LEU A 495 -17.52 -8.28 -7.31
C LEU A 495 -18.28 -7.49 -6.25
N SER A 496 -17.76 -6.33 -5.85
CA SER A 496 -18.45 -5.42 -4.94
C SER A 496 -18.86 -4.28 -5.87
N VAL A 497 -20.15 -3.93 -5.83
CA VAL A 497 -20.79 -2.99 -6.78
C VAL A 497 -21.49 -1.86 -6.04
N VAL A 498 -21.31 -0.64 -6.49
CA VAL A 498 -22.06 0.45 -5.84
C VAL A 498 -22.59 1.38 -6.97
N TYR A 499 -23.79 1.95 -6.76
CA TYR A 499 -24.31 2.86 -7.78
C TYR A 499 -25.37 3.71 -7.12
N HIS A 500 -25.77 4.79 -7.80
CA HIS A 500 -26.70 5.69 -7.25
C HIS A 500 -28.13 5.06 -7.31
N LYS A 501 -28.89 5.23 -6.22
CA LYS A 501 -30.25 4.69 -6.12
C LYS A 501 -31.19 5.16 -7.22
N ASP A 502 -30.93 6.31 -7.82
CA ASP A 502 -31.79 6.80 -8.91
C ASP A 502 -31.36 6.33 -10.29
N LEU A 503 -30.24 5.59 -10.40
CA LEU A 503 -29.75 5.10 -11.68
C LEU A 503 -30.82 4.12 -12.29
N ASP A 504 -31.25 4.32 -13.53
CA ASP A 504 -32.22 3.42 -14.21
C ASP A 504 -31.57 2.05 -14.55
N MET A 505 -31.86 1.02 -13.74
CA MET A 505 -31.21 -0.30 -13.91
C MET A 505 -31.91 -1.19 -14.92
N SER A 506 -32.94 -0.64 -15.58
CA SER A 506 -33.66 -1.39 -16.61
C SER A 506 -32.86 -1.46 -17.94
N GLN A 507 -31.77 -0.67 -18.05
CA GLN A 507 -30.93 -0.73 -19.26
C GLN A 507 -29.42 -0.71 -18.85
N PRO A 508 -28.55 -1.06 -19.82
CA PRO A 508 -27.10 -1.06 -19.47
C PRO A 508 -26.69 0.39 -19.21
N GLN A 509 -25.75 0.57 -18.26
CA GLN A 509 -25.33 1.93 -17.86
C GLN A 509 -23.79 2.03 -17.91
N PRO A 510 -23.25 3.24 -17.95
CA PRO A 510 -21.76 3.28 -17.86
C PRO A 510 -21.21 2.78 -16.53
N CYS A 511 -19.97 2.27 -16.58
CA CYS A 511 -19.46 1.53 -15.41
C CYS A 511 -17.98 1.62 -15.41
N MET A 512 -17.45 1.65 -14.20
CA MET A 512 -15.95 1.66 -13.96
C MET A 512 -15.59 0.37 -13.18
N LEU A 513 -14.65 -0.43 -13.67
CA LEU A 513 -14.34 -1.73 -13.05
C LEU A 513 -12.86 -1.64 -12.58
N TYR A 514 -12.66 -1.80 -11.24
CA TYR A 514 -11.34 -1.59 -10.60
C TYR A 514 -10.74 -2.93 -10.26
N GLY A 515 -9.42 -3.10 -10.47
CA GLY A 515 -8.78 -4.32 -9.90
C GLY A 515 -7.35 -4.03 -9.48
N TYR A 516 -6.81 -4.94 -8.66
CA TYR A 516 -5.38 -4.81 -8.26
C TYR A 516 -4.73 -6.21 -8.47
N GLY A 517 -4.91 -7.10 -7.51
CA GLY A 517 -4.64 -8.57 -7.76
C GLY A 517 -3.21 -9.07 -7.59
N SER A 518 -2.43 -8.46 -6.71
CA SER A 518 -1.03 -9.01 -6.43
C SER A 518 -0.75 -8.97 -4.96
N TYR A 519 0.32 -9.74 -4.61
CA TYR A 519 1.00 -9.68 -3.30
C TYR A 519 0.09 -10.16 -2.16
N GLY A 520 -1.06 -10.74 -2.48
CA GLY A 520 -2.09 -11.10 -1.44
C GLY A 520 -2.73 -9.88 -0.80
N LEU A 521 -2.57 -8.69 -1.40
N LEU A 521 -2.59 -8.68 -1.37
CA LEU A 521 -3.32 -7.48 -0.89
CA LEU A 521 -3.30 -7.51 -0.83
C LEU A 521 -4.74 -7.59 -1.42
C LEU A 521 -4.73 -7.50 -1.38
N SER A 522 -5.73 -7.81 -0.54
CA SER A 522 -7.18 -7.88 -0.99
C SER A 522 -7.65 -6.47 -1.27
N MET A 523 -8.47 -6.37 -2.31
CA MET A 523 -9.24 -5.09 -2.48
C MET A 523 -10.50 -5.28 -1.65
N ASP A 524 -10.85 -4.25 -0.96
CA ASP A 524 -12.04 -4.30 -0.09
C ASP A 524 -13.11 -3.29 -0.48
N PRO A 525 -14.37 -3.66 -0.18
CA PRO A 525 -15.49 -2.68 -0.37
C PRO A 525 -15.45 -1.66 0.79
N GLN A 526 -14.53 -0.69 0.68
CA GLN A 526 -14.31 0.32 1.73
C GLN A 526 -14.57 1.72 1.12
N PHE A 527 -14.78 2.66 2.02
CA PHE A 527 -15.18 3.99 1.60
C PHE A 527 -14.03 4.70 0.87
N SER A 528 -14.37 5.40 -0.19
CA SER A 528 -13.44 6.29 -0.85
C SER A 528 -14.30 7.41 -1.49
N ILE A 529 -13.81 8.67 -1.49
CA ILE A 529 -14.51 9.73 -2.26
C ILE A 529 -14.17 9.58 -3.75
N GLN A 530 -13.15 8.75 -4.11
CA GLN A 530 -12.73 8.67 -5.54
C GLN A 530 -13.83 8.16 -6.49
N HIS A 531 -14.80 7.36 -6.02
N HIS A 531 -14.77 7.37 -5.94
CA HIS A 531 -15.82 6.86 -6.98
CA HIS A 531 -15.81 6.69 -6.72
C HIS A 531 -17.05 7.74 -6.96
C HIS A 531 -17.04 7.62 -6.83
N LEU A 532 -17.11 8.71 -6.04
CA LEU A 532 -18.35 9.57 -6.00
C LEU A 532 -18.59 10.33 -7.31
N PRO A 533 -17.55 10.91 -7.95
CA PRO A 533 -17.88 11.64 -9.23
C PRO A 533 -18.45 10.70 -10.26
N TYR A 534 -18.08 9.42 -10.22
CA TYR A 534 -18.65 8.40 -11.21
C TYR A 534 -20.06 8.08 -10.80
N CYS A 535 -20.30 7.71 -9.53
CA CYS A 535 -21.70 7.23 -9.16
C CYS A 535 -22.69 8.41 -9.28
N ASP A 536 -22.18 9.63 -8.99
CA ASP A 536 -23.10 10.85 -9.03
C ASP A 536 -23.43 11.28 -10.48
N ARG A 537 -22.66 10.76 -11.45
CA ARG A 537 -22.94 10.93 -12.89
C ARG A 537 -23.62 9.70 -13.50
N GLY A 538 -24.19 8.83 -12.67
CA GLY A 538 -24.98 7.71 -13.22
C GLY A 538 -24.11 6.55 -13.71
N MET A 539 -22.92 6.37 -13.10
CA MET A 539 -22.08 5.18 -13.42
C MET A 539 -22.16 4.19 -12.28
N ILE A 540 -22.03 2.94 -12.67
CA ILE A 540 -21.73 1.87 -11.73
C ILE A 540 -20.25 1.88 -11.40
N PHE A 541 -19.91 1.68 -10.12
CA PHE A 541 -18.50 1.45 -9.74
C PHE A 541 -18.38 0.03 -9.18
N ALA A 542 -17.52 -0.78 -9.76
CA ALA A 542 -17.38 -2.19 -9.35
C ALA A 542 -15.90 -2.52 -9.07
N ILE A 543 -15.69 -3.34 -8.01
CA ILE A 543 -14.39 -3.92 -7.74
C ILE A 543 -14.42 -5.39 -8.12
N ALA A 544 -13.45 -5.83 -8.92
CA ALA A 544 -13.32 -7.31 -9.17
C ALA A 544 -12.29 -7.91 -8.21
N HIS A 545 -12.79 -8.85 -7.36
CA HIS A 545 -11.94 -9.44 -6.26
C HIS A 545 -11.18 -10.66 -6.82
N ILE A 546 -10.34 -10.35 -7.80
CA ILE A 546 -9.62 -11.35 -8.59
C ILE A 546 -8.54 -12.07 -7.76
N ARG A 547 -8.22 -13.30 -8.20
CA ARG A 547 -7.09 -14.02 -7.53
C ARG A 547 -5.77 -13.21 -7.64
N GLY A 548 -4.97 -13.32 -6.57
CA GLY A 548 -3.76 -12.46 -6.41
C GLY A 548 -4.00 -11.60 -5.18
N GLY A 549 -5.27 -11.15 -4.91
CA GLY A 549 -5.67 -10.63 -3.58
C GLY A 549 -5.75 -11.86 -2.65
N SER A 550 -6.12 -11.64 -1.38
CA SER A 550 -6.35 -12.76 -0.42
C SER A 550 -7.82 -12.70 0.01
N GLU A 551 -8.77 -12.36 -0.87
CA GLU A 551 -10.12 -12.01 -0.33
C GLU A 551 -10.79 -13.24 0.30
N LEU A 552 -10.60 -14.40 -0.37
CA LEU A 552 -11.23 -15.70 0.05
C LEU A 552 -10.27 -16.54 0.91
N GLY A 553 -9.20 -15.93 1.36
CA GLY A 553 -8.17 -16.61 2.22
C GLY A 553 -6.80 -16.53 1.50
N ARG A 554 -5.76 -16.95 2.20
N ARG A 554 -5.78 -16.95 2.21
CA ARG A 554 -4.41 -16.79 1.64
CA ARG A 554 -4.42 -16.83 1.67
C ARG A 554 -4.20 -17.57 0.32
C ARG A 554 -4.23 -17.55 0.32
N ALA A 555 -4.88 -18.72 0.17
CA ALA A 555 -4.71 -19.53 -1.08
C ALA A 555 -5.17 -18.74 -2.34
N TRP A 556 -6.13 -17.80 -2.14
CA TRP A 556 -6.66 -16.98 -3.24
C TRP A 556 -5.49 -16.24 -3.98
N TYR A 557 -4.44 -16.00 -3.21
CA TYR A 557 -3.15 -15.40 -3.69
C TYR A 557 -2.07 -16.49 -3.97
N GLU A 558 -1.70 -17.24 -2.91
CA GLU A 558 -0.42 -18.08 -2.97
C GLU A 558 -0.61 -19.15 -4.03
N ILE A 559 -1.86 -19.68 -4.19
CA ILE A 559 -2.11 -20.66 -5.26
CA ILE A 559 -2.20 -20.71 -5.21
C ILE A 559 -2.90 -20.06 -6.40
N GLY A 560 -3.80 -19.12 -6.07
CA GLY A 560 -4.71 -18.53 -7.06
C GLY A 560 -3.96 -17.73 -8.16
N ALA A 561 -2.91 -16.94 -7.78
CA ALA A 561 -2.25 -16.11 -8.79
C ALA A 561 -0.89 -15.62 -8.30
N LYS A 562 0.11 -16.49 -8.49
CA LYS A 562 1.50 -16.01 -8.39
C LYS A 562 2.35 -17.06 -9.11
N TYR A 563 3.62 -16.72 -9.32
CA TYR A 563 4.50 -17.65 -10.10
C TYR A 563 3.69 -18.16 -11.36
N LEU A 564 3.53 -19.50 -11.54
CA LEU A 564 3.05 -20.09 -12.81
C LEU A 564 1.52 -20.17 -12.79
N THR A 565 0.86 -19.47 -11.82
CA THR A 565 -0.59 -19.29 -11.93
C THR A 565 -1.00 -17.81 -12.09
N LYS A 566 0.02 -16.94 -12.14
CA LYS A 566 -0.25 -15.47 -12.15
C LYS A 566 -1.34 -15.04 -13.19
N ARG A 567 -1.36 -15.70 -14.36
CA ARG A 567 -2.32 -15.34 -15.42
C ARG A 567 -3.79 -15.35 -14.89
N ASN A 568 -4.11 -16.08 -13.81
CA ASN A 568 -5.47 -16.08 -13.25
C ASN A 568 -5.92 -14.64 -12.87
N THR A 569 -4.97 -13.78 -12.40
CA THR A 569 -5.35 -12.35 -12.08
C THR A 569 -6.14 -11.75 -13.32
N PHE A 570 -5.52 -11.91 -14.51
CA PHE A 570 -6.00 -11.20 -15.74
C PHE A 570 -7.30 -11.89 -16.19
N SER A 571 -7.33 -13.24 -16.20
CA SER A 571 -8.51 -13.94 -16.83
C SER A 571 -9.66 -13.74 -15.83
N ASP A 572 -9.41 -13.68 -14.50
CA ASP A 572 -10.53 -13.40 -13.48
C ASP A 572 -11.06 -12.00 -13.75
N PHE A 573 -10.18 -11.05 -14.08
CA PHE A 573 -10.68 -9.68 -14.31
C PHE A 573 -11.54 -9.61 -15.56
N ILE A 574 -11.07 -10.28 -16.61
CA ILE A 574 -11.84 -10.39 -17.88
C ILE A 574 -13.19 -11.08 -17.60
N ALA A 575 -13.20 -12.15 -16.79
CA ALA A 575 -14.48 -12.85 -16.46
C ALA A 575 -15.44 -11.83 -15.74
N ALA A 576 -14.90 -10.98 -14.86
CA ALA A 576 -15.69 -9.95 -14.13
C ALA A 576 -16.35 -8.95 -15.21
N ALA A 577 -15.52 -8.42 -16.14
CA ALA A 577 -16.00 -7.52 -17.18
C ALA A 577 -17.15 -8.24 -18.01
N GLU A 578 -16.87 -9.50 -18.46
CA GLU A 578 -17.81 -10.31 -19.26
C GLU A 578 -19.13 -10.50 -18.46
N PHE A 579 -18.98 -10.75 -17.15
CA PHE A 579 -20.15 -10.86 -16.27
C PHE A 579 -21.04 -9.57 -16.32
N LEU A 580 -20.42 -8.40 -16.20
CA LEU A 580 -21.14 -7.11 -16.18
C LEU A 580 -21.82 -6.89 -17.50
N VAL A 581 -21.19 -7.27 -18.60
CA VAL A 581 -21.82 -7.16 -19.94
C VAL A 581 -22.98 -8.20 -20.11
N ASN A 582 -22.73 -9.46 -19.77
CA ASN A 582 -23.68 -10.55 -19.99
C ASN A 582 -24.92 -10.37 -19.09
N ALA A 583 -24.73 -9.80 -17.91
CA ALA A 583 -25.81 -9.46 -17.01
C ALA A 583 -26.57 -8.18 -17.42
N LYS A 584 -26.11 -7.52 -18.51
CA LYS A 584 -26.79 -6.28 -19.07
C LYS A 584 -26.63 -5.18 -18.09
N LEU A 585 -25.62 -5.25 -17.20
CA LEU A 585 -25.34 -4.14 -16.31
C LEU A 585 -24.69 -2.91 -17.08
N THR A 586 -23.91 -3.27 -18.15
CA THR A 586 -23.21 -2.26 -18.94
C THR A 586 -22.99 -2.92 -20.31
N THR A 587 -22.23 -2.25 -21.18
CA THR A 587 -21.85 -2.77 -22.51
C THR A 587 -20.38 -2.32 -22.71
N PRO A 588 -19.66 -2.98 -23.64
CA PRO A 588 -18.25 -2.52 -23.85
C PRO A 588 -18.06 -1.04 -24.16
N SER A 589 -19.01 -0.46 -24.90
CA SER A 589 -18.95 0.97 -25.27
CA SER A 589 -18.93 0.98 -25.25
C SER A 589 -19.13 1.90 -24.06
N GLN A 590 -19.62 1.33 -22.95
CA GLN A 590 -19.92 2.07 -21.73
C GLN A 590 -19.05 1.64 -20.57
N LEU A 591 -18.07 0.83 -20.84
CA LEU A 591 -17.27 0.24 -19.73
C LEU A 591 -15.83 0.80 -19.66
N ALA A 592 -15.45 1.23 -18.45
CA ALA A 592 -14.06 1.73 -18.19
C ALA A 592 -13.40 0.68 -17.23
N CYS A 593 -12.07 0.65 -17.23
CA CYS A 593 -11.38 -0.19 -16.23
C CYS A 593 -10.19 0.64 -15.71
N GLU A 594 -9.82 0.34 -14.47
CA GLU A 594 -8.67 1.03 -13.90
C GLU A 594 -7.86 0.14 -12.97
N GLY A 595 -6.59 0.51 -12.80
CA GLY A 595 -5.76 -0.19 -11.78
C GLY A 595 -4.45 0.59 -11.66
N ARG A 596 -3.73 0.43 -10.50
CA ARG A 596 -2.46 1.20 -10.33
C ARG A 596 -1.39 0.19 -9.85
N SER A 597 -0.15 0.49 -10.24
CA SER A 597 1.05 -0.25 -9.79
C SER A 597 0.94 -1.71 -10.25
N ALA A 598 0.88 -2.72 -9.37
CA ALA A 598 0.63 -4.09 -9.84
C ALA A 598 -0.78 -4.18 -10.47
N GLY A 599 -1.73 -3.31 -10.04
CA GLY A 599 -2.99 -3.17 -10.78
C GLY A 599 -2.76 -2.58 -12.18
N GLY A 600 -1.62 -1.87 -12.39
CA GLY A 600 -1.29 -1.36 -13.76
C GLY A 600 -0.73 -2.54 -14.63
N LEU A 601 -0.03 -3.55 -14.00
CA LEU A 601 0.28 -4.78 -14.70
C LEU A 601 -1.03 -5.47 -15.20
N LEU A 602 -2.03 -5.54 -14.28
CA LEU A 602 -3.38 -6.01 -14.62
C LEU A 602 -3.91 -5.20 -15.84
N MET A 603 -3.86 -3.87 -15.75
CA MET A 603 -4.41 -3.03 -16.88
C MET A 603 -3.61 -3.36 -18.16
N GLY A 604 -2.27 -3.40 -18.10
CA GLY A 604 -1.52 -3.64 -19.35
C GLY A 604 -1.82 -5.00 -19.98
N ALA A 605 -2.02 -6.02 -19.15
CA ALA A 605 -2.23 -7.41 -19.67
C ALA A 605 -3.64 -7.39 -20.25
N VAL A 606 -4.68 -6.92 -19.50
CA VAL A 606 -6.07 -7.00 -19.99
CA VAL A 606 -6.04 -7.05 -20.03
C VAL A 606 -6.22 -6.12 -21.25
N LEU A 607 -5.45 -5.00 -21.31
CA LEU A 607 -5.48 -4.15 -22.55
C LEU A 607 -4.96 -4.87 -23.78
N ASN A 608 -3.99 -5.77 -23.62
CA ASN A 608 -3.54 -6.60 -24.77
C ASN A 608 -4.56 -7.70 -25.07
N MET A 609 -5.09 -8.29 -23.99
CA MET A 609 -5.89 -9.52 -24.11
C MET A 609 -7.34 -9.19 -24.61
N ARG A 610 -7.97 -8.26 -23.94
CA ARG A 610 -9.41 -7.97 -24.25
C ARG A 610 -9.71 -6.45 -24.35
N PRO A 611 -9.00 -5.73 -25.25
CA PRO A 611 -9.29 -4.29 -25.35
C PRO A 611 -10.76 -4.06 -25.86
N ASP A 612 -11.37 -5.07 -26.49
CA ASP A 612 -12.72 -4.94 -27.07
C ASP A 612 -13.77 -4.75 -25.97
N LEU A 613 -13.44 -5.08 -24.72
CA LEU A 613 -14.39 -4.95 -23.57
C LEU A 613 -14.48 -3.54 -23.01
N PHE A 614 -13.54 -2.64 -23.38
CA PHE A 614 -13.44 -1.31 -22.68
C PHE A 614 -13.40 -0.17 -23.63
N LYS A 615 -14.15 0.91 -23.25
CA LYS A 615 -14.10 2.14 -23.98
C LYS A 615 -12.88 3.00 -23.56
N VAL A 616 -12.43 2.89 -22.29
CA VAL A 616 -11.43 3.88 -21.76
C VAL A 616 -10.78 3.09 -20.56
N ALA A 617 -9.52 3.38 -20.24
CA ALA A 617 -8.82 2.71 -19.17
C ALA A 617 -7.95 3.75 -18.48
N LEU A 618 -7.73 3.54 -17.17
CA LEU A 618 -6.70 4.30 -16.41
C LEU A 618 -5.66 3.33 -15.96
N ALA A 619 -4.37 3.59 -16.22
CA ALA A 619 -3.27 2.73 -15.72
C ALA A 619 -2.34 3.69 -14.91
N GLY A 620 -2.41 3.62 -13.57
CA GLY A 620 -1.62 4.50 -12.71
C GLY A 620 -0.33 3.82 -12.38
N VAL A 621 0.74 4.60 -12.42
CA VAL A 621 2.09 4.10 -12.05
C VAL A 621 2.32 2.58 -12.41
N PRO A 622 2.14 2.23 -13.71
CA PRO A 622 1.80 0.80 -14.01
C PRO A 622 3.09 -0.03 -14.30
N PHE A 623 3.10 -1.23 -13.69
CA PHE A 623 4.22 -2.18 -13.83
C PHE A 623 3.94 -2.90 -15.16
N VAL A 624 4.60 -2.49 -16.25
CA VAL A 624 4.32 -3.04 -17.59
C VAL A 624 5.54 -3.62 -18.30
N ASP A 625 6.79 -3.25 -17.86
CA ASP A 625 8.00 -3.66 -18.61
C ASP A 625 8.52 -4.97 -17.97
N VAL A 626 7.68 -6.01 -17.96
CA VAL A 626 7.86 -7.10 -16.98
C VAL A 626 9.21 -7.84 -17.28
N MET A 627 9.49 -8.14 -18.56
CA MET A 627 10.72 -9.03 -18.83
C MET A 627 11.97 -8.20 -18.57
N THR A 628 12.04 -7.03 -19.19
CA THR A 628 13.29 -6.21 -19.08
C THR A 628 13.56 -5.72 -17.63
N THR A 629 12.45 -5.43 -16.87
CA THR A 629 12.62 -5.04 -15.49
C THR A 629 12.98 -6.27 -14.64
N MET A 630 12.22 -7.37 -14.79
CA MET A 630 12.39 -8.55 -13.83
C MET A 630 13.68 -9.33 -14.10
N CYS A 631 14.35 -9.15 -15.27
CA CYS A 631 15.62 -9.91 -15.46
C CYS A 631 16.75 -9.16 -14.70
N ASP A 632 16.50 -7.90 -14.33
CA ASP A 632 17.62 -6.94 -14.05
C ASP A 632 17.64 -6.59 -12.54
N PRO A 633 18.62 -7.18 -11.76
CA PRO A 633 18.58 -6.92 -10.31
C PRO A 633 19.03 -5.47 -9.90
N SER A 634 19.51 -4.66 -10.87
CA SER A 634 19.89 -3.29 -10.51
C SER A 634 18.60 -2.35 -10.37
N ILE A 635 17.38 -2.84 -10.70
CA ILE A 635 16.23 -1.97 -10.61
C ILE A 635 15.55 -2.23 -9.26
N PRO A 636 15.15 -1.14 -8.55
CA PRO A 636 14.52 -1.36 -7.23
C PRO A 636 13.35 -2.36 -7.36
N LEU A 637 13.32 -3.24 -6.36
CA LEU A 637 12.29 -4.27 -6.16
C LEU A 637 12.48 -5.56 -6.97
N THR A 638 13.27 -5.52 -8.05
CA THR A 638 13.38 -6.74 -8.85
C THR A 638 13.71 -8.02 -8.07
N THR A 639 14.84 -8.03 -7.29
CA THR A 639 15.30 -9.29 -6.74
CA THR A 639 15.28 -9.30 -6.78
C THR A 639 14.23 -9.89 -5.80
N GLY A 640 13.58 -9.03 -4.97
CA GLY A 640 12.55 -9.53 -4.06
C GLY A 640 11.36 -10.14 -4.87
N GLU A 641 11.10 -9.64 -6.10
CA GLU A 641 9.88 -10.08 -6.81
C GLU A 641 10.14 -11.31 -7.61
N TRP A 642 11.37 -11.85 -7.53
CA TRP A 642 11.63 -13.21 -8.05
C TRP A 642 10.80 -14.23 -7.30
N GLU A 643 10.39 -13.86 -6.08
CA GLU A 643 9.46 -14.73 -5.31
C GLU A 643 7.95 -14.28 -5.40
N GLU A 644 7.63 -13.36 -6.34
CA GLU A 644 6.22 -12.98 -6.61
C GLU A 644 5.89 -13.60 -7.97
N TRP A 645 6.49 -13.05 -9.03
CA TRP A 645 6.16 -13.53 -10.46
C TRP A 645 7.05 -14.66 -10.82
N GLY A 646 8.27 -14.72 -10.22
CA GLY A 646 9.26 -15.65 -10.80
C GLY A 646 10.43 -14.84 -11.38
N ASN A 647 11.48 -15.56 -11.79
CA ASN A 647 12.72 -14.94 -12.21
C ASN A 647 12.90 -15.29 -13.74
N PRO A 648 12.72 -14.27 -14.64
CA PRO A 648 12.74 -14.60 -16.09
C PRO A 648 14.18 -14.90 -16.60
N ASN A 649 15.21 -14.78 -15.72
CA ASN A 649 16.54 -15.33 -16.07
C ASN A 649 16.49 -16.81 -16.00
N GLU A 650 15.37 -17.43 -15.57
CA GLU A 650 15.34 -18.90 -15.42
C GLU A 650 14.42 -19.56 -16.43
N TYR A 651 14.81 -20.72 -16.96
CA TYR A 651 13.95 -21.47 -17.90
C TYR A 651 12.57 -21.63 -17.30
N LYS A 652 12.47 -21.90 -15.97
CA LYS A 652 11.14 -22.19 -15.40
C LYS A 652 10.07 -21.04 -15.62
N TYR A 653 10.53 -19.78 -15.68
CA TYR A 653 9.64 -18.61 -15.71
C TYR A 653 9.62 -17.86 -17.03
N TYR A 654 10.66 -18.05 -17.87
CA TYR A 654 10.87 -17.16 -19.02
C TYR A 654 9.59 -17.07 -19.90
N ASP A 655 9.14 -18.21 -20.45
CA ASP A 655 8.02 -18.25 -21.43
C ASP A 655 6.76 -17.73 -20.72
N TYR A 656 6.56 -18.19 -19.47
CA TYR A 656 5.28 -17.89 -18.77
C TYR A 656 5.17 -16.37 -18.55
N MET A 657 6.23 -15.72 -18.02
CA MET A 657 6.21 -14.26 -17.81
C MET A 657 6.11 -13.54 -19.16
N LEU A 658 6.74 -14.05 -20.21
CA LEU A 658 6.72 -13.43 -21.51
C LEU A 658 5.25 -13.48 -22.05
N SER A 659 4.49 -14.50 -21.61
CA SER A 659 3.19 -14.75 -22.18
C SER A 659 2.17 -13.60 -21.78
N TYR A 660 2.47 -12.94 -20.67
CA TYR A 660 1.56 -11.83 -20.20
C TYR A 660 2.22 -10.46 -20.09
N SER A 661 3.58 -10.40 -20.10
CA SER A 661 4.31 -9.13 -19.97
C SER A 661 3.67 -8.04 -20.90
N PRO A 662 3.11 -6.93 -20.29
CA PRO A 662 2.33 -6.06 -21.18
C PRO A 662 3.18 -5.44 -22.32
N MET A 663 4.43 -5.00 -22.00
CA MET A 663 5.28 -4.36 -23.03
CA MET A 663 5.29 -4.37 -23.01
C MET A 663 5.48 -5.33 -24.23
N ASP A 664 5.64 -6.63 -23.95
CA ASP A 664 5.99 -7.59 -24.94
C ASP A 664 4.83 -8.23 -25.64
N ASN A 665 3.60 -7.83 -25.27
CA ASN A 665 2.43 -8.34 -26.03
C ASN A 665 1.60 -7.23 -26.67
N VAL A 666 2.16 -6.02 -26.70
CA VAL A 666 1.60 -4.96 -27.50
C VAL A 666 1.57 -5.41 -28.95
N ARG A 667 0.44 -5.20 -29.64
CA ARG A 667 0.32 -5.73 -31.03
C ARG A 667 -0.55 -4.85 -31.88
N ALA A 668 -0.60 -5.17 -33.17
CA ALA A 668 -1.38 -4.40 -34.15
C ALA A 668 -2.91 -4.76 -33.99
N GLN A 669 -3.60 -4.05 -33.09
CA GLN A 669 -5.03 -4.23 -32.84
C GLN A 669 -5.57 -2.90 -32.31
N GLU A 670 -6.88 -2.83 -32.17
CA GLU A 670 -7.48 -1.62 -31.61
C GLU A 670 -7.47 -1.64 -30.09
N TYR A 671 -6.96 -0.52 -29.52
CA TYR A 671 -6.93 -0.33 -28.05
C TYR A 671 -7.95 0.78 -27.67
N PRO A 672 -8.39 0.80 -26.40
CA PRO A 672 -9.26 1.84 -25.91
C PRO A 672 -8.50 3.17 -25.75
N ASN A 673 -9.22 4.24 -25.44
CA ASN A 673 -8.58 5.49 -24.90
C ASN A 673 -7.93 5.08 -23.57
N ILE A 674 -6.74 5.62 -23.33
CA ILE A 674 -5.99 5.27 -22.11
C ILE A 674 -5.40 6.52 -21.54
N MET A 675 -5.46 6.66 -20.18
CA MET A 675 -4.65 7.70 -19.55
C MET A 675 -3.70 7.01 -18.57
N VAL A 676 -2.41 7.40 -18.54
CA VAL A 676 -1.35 6.75 -17.73
C VAL A 676 -0.82 7.89 -16.88
N GLN A 677 -0.85 7.71 -15.59
CA GLN A 677 -0.24 8.68 -14.68
C GLN A 677 1.10 8.03 -14.15
N CYS A 678 2.17 8.80 -14.04
CA CYS A 678 3.37 8.20 -13.38
C CYS A 678 4.20 9.33 -12.72
N GLY A 679 5.23 8.98 -11.94
CA GLY A 679 6.06 9.99 -11.22
C GLY A 679 7.53 9.79 -11.62
N LEU A 680 8.19 10.90 -11.93
CA LEU A 680 9.61 10.82 -12.32
C LEU A 680 10.44 10.08 -11.21
N HIS A 681 10.12 10.34 -9.92
CA HIS A 681 10.95 9.83 -8.82
C HIS A 681 10.45 8.53 -8.20
N ASP A 682 9.46 7.91 -8.83
CA ASP A 682 8.84 6.70 -8.30
C ASP A 682 9.88 5.58 -8.15
N PRO A 683 10.07 5.08 -6.90
CA PRO A 683 11.21 4.07 -6.59
C PRO A 683 10.61 2.65 -6.64
N ARG A 684 9.30 2.52 -7.00
CA ARG A 684 8.62 1.21 -7.05
C ARG A 684 8.32 0.79 -8.48
N VAL A 685 7.74 1.71 -9.27
CA VAL A 685 7.57 1.48 -10.70
C VAL A 685 8.33 2.61 -11.38
N ALA A 686 9.42 2.24 -12.12
CA ALA A 686 10.31 3.27 -12.70
C ALA A 686 9.47 3.99 -13.80
N TYR A 687 9.64 5.31 -13.89
CA TYR A 687 8.92 6.18 -14.87
C TYR A 687 9.14 5.61 -16.30
N TRP A 688 10.26 4.96 -16.59
CA TRP A 688 10.48 4.60 -17.99
C TRP A 688 9.58 3.45 -18.44
N GLU A 689 8.99 2.65 -17.47
CA GLU A 689 8.13 1.53 -17.93
C GLU A 689 6.85 2.08 -18.66
N PRO A 690 6.07 3.00 -18.00
CA PRO A 690 4.93 3.52 -18.78
C PRO A 690 5.37 4.36 -19.98
N ALA A 691 6.51 5.08 -19.91
CA ALA A 691 6.95 5.88 -21.09
C ALA A 691 7.16 4.90 -22.27
N LYS A 692 7.93 3.79 -22.04
CA LYS A 692 8.23 2.84 -23.16
C LYS A 692 6.90 2.20 -23.67
N TRP A 693 6.03 1.84 -22.71
CA TRP A 693 4.81 1.21 -23.06
C TRP A 693 3.83 2.11 -23.89
N VAL A 694 3.67 3.38 -23.44
CA VAL A 694 2.85 4.31 -24.25
C VAL A 694 3.44 4.45 -25.65
N SER A 695 4.79 4.59 -25.75
CA SER A 695 5.43 4.71 -27.09
C SER A 695 5.10 3.51 -27.96
N LYS A 696 5.19 2.32 -27.40
CA LYS A 696 4.99 1.11 -28.19
C LYS A 696 3.50 0.97 -28.60
N LEU A 697 2.61 1.26 -27.65
CA LEU A 697 1.15 1.25 -27.93
C LEU A 697 0.87 2.17 -29.15
N ARG A 698 1.35 3.41 -29.09
CA ARG A 698 1.07 4.34 -30.20
C ARG A 698 1.67 3.87 -31.52
N GLU A 699 2.80 3.21 -31.44
CA GLU A 699 3.50 2.74 -32.66
C GLU A 699 2.67 1.59 -33.31
N CYS A 700 2.06 0.69 -32.49
CA CYS A 700 1.52 -0.56 -33.03
C CYS A 700 0.02 -0.51 -33.23
N LYS A 701 -0.65 0.33 -32.44
CA LYS A 701 -2.12 0.26 -32.39
C LYS A 701 -2.78 0.64 -33.76
N THR A 702 -3.96 0.06 -34.04
CA THR A 702 -4.60 0.31 -35.34
C THR A 702 -5.85 1.23 -35.19
N ASP A 703 -6.22 1.60 -33.95
CA ASP A 703 -7.39 2.49 -33.74
C ASP A 703 -6.92 3.99 -33.77
N ASN A 704 -7.88 4.93 -33.64
N ASN A 704 -7.92 4.89 -33.72
CA ASN A 704 -7.56 6.38 -33.58
CA ASN A 704 -7.72 6.35 -33.62
C ASN A 704 -7.99 6.93 -32.22
C ASN A 704 -8.11 6.89 -32.24
N ASN A 705 -8.01 6.05 -31.22
CA ASN A 705 -8.21 6.49 -29.82
C ASN A 705 -6.99 7.24 -29.28
N GLU A 706 -7.16 7.90 -28.15
CA GLU A 706 -6.05 8.70 -27.60
C GLU A 706 -5.45 8.01 -26.36
N ILE A 707 -4.12 8.10 -26.33
CA ILE A 707 -3.35 7.57 -25.18
C ILE A 707 -2.57 8.78 -24.60
N LEU A 708 -2.83 9.09 -23.30
N LEU A 708 -2.85 9.11 -23.33
CA LEU A 708 -2.25 10.28 -22.67
CA LEU A 708 -2.26 10.28 -22.68
C LEU A 708 -1.37 9.87 -21.54
C LEU A 708 -1.34 9.84 -21.55
N LEU A 709 -0.15 10.43 -21.51
CA LEU A 709 0.87 10.06 -20.49
C LEU A 709 1.11 11.33 -19.62
N ASN A 710 0.67 11.26 -18.36
CA ASN A 710 0.84 12.41 -17.45
C ASN A 710 2.02 12.03 -16.55
N ILE A 711 3.19 12.60 -16.77
N ILE A 711 3.22 12.55 -16.83
CA ILE A 711 4.36 12.28 -15.96
CA ILE A 711 4.36 12.28 -15.92
C ILE A 711 4.56 13.45 -14.97
C ILE A 711 4.47 13.47 -14.97
N ASP A 712 4.39 13.18 -13.68
CA ASP A 712 4.61 14.19 -12.68
C ASP A 712 6.13 14.25 -12.36
N MET A 713 6.83 15.33 -12.71
CA MET A 713 8.29 15.40 -12.49
C MET A 713 8.60 15.67 -11.06
N GLU A 714 7.54 15.91 -10.23
N GLU A 714 7.56 15.97 -10.24
CA GLU A 714 7.73 16.36 -8.82
CA GLU A 714 7.79 16.33 -8.85
C GLU A 714 7.26 15.37 -7.79
C GLU A 714 6.98 15.44 -7.90
N SER A 715 6.97 14.14 -8.18
CA SER A 715 6.52 13.16 -7.13
C SER A 715 7.02 11.75 -7.45
N GLY A 716 6.66 10.80 -6.60
CA GLY A 716 7.11 9.41 -6.75
C GLY A 716 5.95 8.52 -7.15
N HIS A 717 5.60 7.59 -6.28
CA HIS A 717 4.63 6.56 -6.61
C HIS A 717 3.15 6.93 -6.26
N PHE A 718 2.97 7.97 -5.45
CA PHE A 718 1.69 8.20 -4.73
C PHE A 718 1.10 9.58 -5.04
N SER A 719 1.60 10.18 -6.16
CA SER A 719 1.26 11.54 -6.49
C SER A 719 1.68 12.53 -5.31
N ALA A 720 1.06 13.71 -5.22
CA ALA A 720 1.40 14.76 -4.29
C ALA A 720 0.93 14.38 -2.87
N LYS A 721 1.74 14.72 -1.86
CA LYS A 721 1.25 14.63 -0.46
C LYS A 721 0.38 15.89 -0.16
N ASP A 722 0.63 16.98 -0.87
CA ASP A 722 -0.20 18.23 -0.76
C ASP A 722 -1.66 17.84 -1.19
N ARG A 723 -2.63 18.00 -0.28
CA ARG A 723 -3.92 17.39 -0.54
C ARG A 723 -4.62 18.07 -1.73
N TYR A 724 -4.39 19.37 -1.93
CA TYR A 724 -5.11 20.03 -3.07
C TYR A 724 -4.52 19.57 -4.38
N LYS A 725 -3.19 19.45 -4.46
CA LYS A 725 -2.57 18.90 -5.69
C LYS A 725 -3.06 17.49 -5.90
N PHE A 726 -3.15 16.70 -4.83
CA PHE A 726 -3.59 15.31 -5.00
C PHE A 726 -5.00 15.15 -5.61
N TRP A 727 -5.91 15.99 -5.11
CA TRP A 727 -7.33 15.99 -5.54
C TRP A 727 -7.38 16.55 -6.97
N LYS A 728 -6.54 17.58 -7.29
CA LYS A 728 -6.58 18.10 -8.71
C LYS A 728 -6.07 16.96 -9.71
N GLU A 729 -5.01 16.21 -9.27
CA GLU A 729 -4.45 15.09 -10.10
C GLU A 729 -5.52 14.00 -10.27
N SER A 730 -6.27 13.71 -9.18
CA SER A 730 -7.32 12.70 -9.23
C SER A 730 -8.38 13.16 -10.25
N ALA A 731 -8.80 14.46 -10.15
CA ALA A 731 -9.93 14.99 -10.96
C ALA A 731 -9.60 14.84 -12.46
N ILE A 732 -8.34 15.04 -12.90
CA ILE A 732 -8.09 14.92 -14.39
C ILE A 732 -8.46 13.47 -14.93
N GLN A 733 -8.20 12.49 -14.09
CA GLN A 733 -8.47 11.06 -14.39
C GLN A 733 -9.96 10.77 -14.49
N GLN A 734 -10.72 11.20 -13.49
CA GLN A 734 -12.20 11.05 -13.53
C GLN A 734 -12.72 11.82 -14.73
N ALA A 735 -12.20 13.07 -14.97
CA ALA A 735 -12.74 13.89 -16.11
C ALA A 735 -12.51 13.08 -17.42
N PHE A 736 -11.35 12.45 -17.61
CA PHE A 736 -11.06 11.72 -18.86
C PHE A 736 -11.98 10.52 -19.02
N VAL A 737 -12.20 9.72 -17.97
CA VAL A 737 -13.16 8.61 -18.03
C VAL A 737 -14.59 9.11 -18.34
N CYS A 738 -15.04 10.13 -17.58
CA CYS A 738 -16.45 10.58 -17.78
C CYS A 738 -16.66 11.12 -19.22
N LYS A 739 -15.66 11.84 -19.75
CA LYS A 739 -15.71 12.35 -21.15
C LYS A 739 -15.88 11.15 -22.08
N HIS A 740 -15.01 10.11 -21.94
CA HIS A 740 -15.06 9.03 -22.97
C HIS A 740 -16.25 8.11 -22.80
N LEU A 741 -16.77 8.09 -21.57
CA LEU A 741 -18.10 7.40 -21.30
C LEU A 741 -19.33 8.26 -21.62
N LYS A 742 -19.16 9.50 -22.04
CA LYS A 742 -20.32 10.44 -22.32
C LYS A 742 -21.21 10.44 -21.06
N SER A 743 -20.59 10.49 -19.87
CA SER A 743 -21.40 10.65 -18.62
CA SER A 743 -21.29 10.49 -18.60
C SER A 743 -20.78 11.73 -17.80
N THR A 744 -20.93 12.94 -18.28
CA THR A 744 -20.28 14.13 -17.68
C THR A 744 -21.12 14.96 -16.71
N VAL A 745 -22.46 14.84 -16.84
CA VAL A 745 -23.42 15.65 -16.04
C VAL A 745 -23.94 14.92 -14.84
N ARG A 746 -23.82 15.55 -13.66
CA ARG A 746 -24.32 14.92 -12.42
C ARG A 746 -25.81 14.61 -12.56
N LEU A 747 -26.25 13.46 -12.02
CA LEU A 747 -27.73 13.12 -11.94
C LEU A 747 -28.56 14.24 -11.32
N LEU A 748 -28.08 14.83 -10.22
CA LEU A 748 -28.88 15.88 -9.49
C LEU A 748 -29.23 17.11 -10.33
N VAL A 749 -28.28 17.51 -11.17
CA VAL A 749 -28.49 18.72 -12.03
C VAL A 749 -28.87 18.48 -13.54
N ARG A 750 -29.03 17.20 -13.98
CA ARG A 750 -29.62 16.87 -15.35
C ARG A 750 -31.04 17.41 -15.59
CD1 FC0 B 1 2.06 -5.06 1.41
CE1 FC0 B 1 1.84 -6.34 0.90
CZ FC0 B 1 1.75 -7.43 1.75
CE2 FC0 B 1 1.90 -7.23 3.15
CD2 FC0 B 1 2.14 -5.94 3.65
CG FC0 B 1 2.23 -4.84 2.78
CB FC0 B 1 2.51 -3.41 3.34
CA FC0 B 1 3.38 -2.49 2.43
C FC0 B 1 3.77 -1.13 3.13
O FC0 B 1 4.26 -0.18 2.42
OXT FC0 B 1 3.63 -1.10 4.36
N FC0 B 1 4.66 -3.10 1.96
C1 FC0 B 1 5.37 -2.56 0.93
O1 FC0 B 1 4.93 -1.53 0.37
N ARG B 2 6.52 -3.18 0.52
CA ARG B 2 7.45 -2.70 -0.55
C ARG B 2 6.81 -3.23 -1.91
N VAL B 3 5.65 -2.72 -2.24
CA VAL B 3 4.89 -3.21 -3.39
C VAL B 3 4.85 -2.17 -4.47
N RGL B 4 4.49 -2.67 -5.66
CA RGL B 4 4.26 -1.77 -6.81
C RGL B 4 2.77 -1.34 -6.62
O RGL B 4 1.82 -2.44 -6.71
CB RGL B 4 4.42 -2.47 -8.19
CG RGL B 4 5.97 -2.87 -8.21
CD RGL B 4 6.23 -3.55 -9.60
NE RGL B 4 7.43 -4.35 -9.57
CZ RGL B 4 8.68 -3.98 -10.06
NH1 RGL B 4 8.95 -2.69 -10.41
NH2 RGL B 4 9.53 -5.04 -10.13
C1 GOL C . -11.47 -2.46 -29.15
O1 GOL C . -12.08 -3.37 -30.23
C2 GOL C . -12.33 -1.27 -28.60
O2 GOL C . -13.06 -1.54 -27.36
C3 GOL C . -11.41 -0.18 -28.12
O3 GOL C . -12.15 0.69 -27.23
C1 GOL D . -0.45 -22.03 24.37
O1 GOL D . -0.11 -23.40 24.38
C2 GOL D . -0.95 -21.74 25.80
O2 GOL D . -0.23 -20.89 26.72
C3 GOL D . -1.39 -23.04 26.48
O3 GOL D . -2.66 -23.27 25.94
C1 GOL E . -26.01 12.81 -7.49
O1 GOL E . -25.87 13.65 -8.65
C2 GOL E . -26.22 13.51 -6.15
O2 GOL E . -26.97 12.69 -5.30
C3 GOL E . -24.99 14.08 -5.42
O3 GOL E . -25.06 13.92 -4.00
C1 GOL F . -15.36 9.53 -27.72
O1 GOL F . -14.80 9.00 -26.58
C2 GOL F . -15.58 8.18 -28.34
O2 GOL F . -16.77 8.09 -29.11
C3 GOL F . -14.28 7.73 -29.03
O3 GOL F . -13.48 6.81 -28.22
C1 GOL G . -3.97 5.92 -3.68
O1 GOL G . -4.28 4.53 -3.72
C2 GOL G . -2.44 6.16 -3.49
O2 GOL G . -1.88 7.15 -4.34
C3 GOL G . -2.11 6.49 -2.02
O3 GOL G . -2.36 7.84 -1.58
C1 GOL H . -17.06 -11.12 24.14
O1 GOL H . -15.87 -11.84 23.85
C2 GOL H . -18.04 -11.21 23.00
O2 GOL H . -18.04 -12.54 22.56
C3 GOL H . -19.41 -10.86 23.54
O3 GOL H . -20.41 -11.46 22.71
C1 GOL I . -22.75 11.20 6.46
O1 GOL I . -22.70 9.77 6.55
C2 GOL I . -21.40 11.77 6.15
O2 GOL I . -21.56 13.10 5.81
C3 GOL I . -20.44 11.67 7.31
O3 GOL I . -20.65 10.61 8.22
C1 GOL J . -20.56 -15.02 -16.22
O1 GOL J . -21.71 -14.43 -16.79
C2 GOL J . -19.46 -14.44 -17.10
O2 GOL J . -18.32 -14.30 -16.23
C3 GOL J . -19.10 -15.45 -18.21
O3 GOL J . -17.70 -15.37 -18.56
C1 GOL K . 5.46 -23.29 -17.55
O1 GOL K . 4.47 -24.11 -16.92
C2 GOL K . 5.13 -22.93 -19.01
O2 GOL K . 3.78 -23.28 -19.45
C3 GOL K . 5.60 -21.55 -19.48
O3 GOL K . 4.43 -20.94 -20.08
C1 GOL L . 11.29 -19.04 -5.55
O1 GOL L . 10.42 -20.11 -5.35
C2 GOL L . 11.78 -18.99 -7.01
O2 GOL L . 11.31 -19.99 -7.98
C3 GOL L . 12.71 -17.78 -7.42
O3 GOL L . 12.40 -17.35 -8.79
C1 PGR M . -5.38 4.43 -11.92
C2 PGR M . -6.55 4.69 -10.99
C3 PGR M . -6.65 3.56 -9.92
O1 PGR M . -4.93 5.63 -12.35
O2 PGR M . -6.32 6.04 -10.40
C1 PGO N . -9.66 7.79 -10.98
C2 PGO N . -8.92 7.91 -9.62
C3 PGO N . -8.10 9.13 -9.17
O1 PGO N . -10.70 6.80 -11.11
O2 PGO N . -9.07 6.75 -8.87
C1 PGR O . 3.22 -11.77 30.13
C2 PGR O . 3.77 -13.18 30.09
C3 PGR O . 2.69 -14.17 30.48
O1 PGR O . 4.29 -10.88 30.19
O2 PGR O . 4.24 -13.34 28.70
C1 PGR P . -3.05 12.08 0.35
C2 PGR P . -3.53 13.45 0.06
C3 PGR P . -5.08 13.42 0.01
O1 PGR P . -1.62 12.23 0.13
O2 PGR P . -3.01 14.31 1.11
C1 PGR Q . 19.67 7.58 -20.90
C2 PGR Q . 21.08 7.36 -20.42
C3 PGR Q . 21.29 7.14 -18.93
O1 PGR Q . 19.44 7.16 -22.41
O2 PGR Q . 21.67 6.28 -21.17
C1 PGR R . -7.77 -20.42 -5.26
C2 PGR R . -8.09 -21.38 -6.30
C3 PGR R . -9.63 -21.46 -6.29
O1 PGR R . -6.95 -21.28 -4.52
O2 PGR R . -7.38 -20.90 -7.54
C1 PGR S . 4.74 7.56 0.67
C2 PGR S . 3.86 7.14 1.84
C3 PGR S . 2.49 6.64 1.38
O1 PGR S . 4.21 8.68 -0.06
O2 PGR S . 4.59 6.16 2.55
C1 PGR T . -15.19 -9.22 -1.13
C2 PGR T . -16.64 -9.29 -0.78
C3 PGR T . -17.50 -8.01 -0.96
O1 PGR T . -14.71 -10.59 -1.41
O2 PGR T . -17.05 -10.35 -1.57
C1 PGR U . -19.84 18.96 -4.64
C2 PGR U . -20.28 20.44 -4.94
C3 PGR U . -19.10 21.19 -5.68
O1 PGR U . -20.86 18.04 -4.15
O2 PGR U . -21.60 20.52 -5.59
C1 PGR V . 2.83 10.32 18.16
C2 PGR V . 2.64 11.29 16.89
C3 PGR V . 3.35 12.66 17.11
O1 PGR V . 2.62 8.91 17.89
O2 PGR V . 2.90 10.70 15.47
C1 PGR W . 7.62 22.65 12.10
C2 PGR W . 8.96 23.26 12.42
C3 PGR W . 9.66 22.76 13.71
O1 PGR W . 6.74 22.66 13.21
O2 PGR W . 9.78 22.95 11.30
C1 PGR X . 5.91 2.55 19.35
C2 PGR X . 6.28 2.07 20.85
C3 PGR X . 5.50 2.77 21.98
O1 PGR X . 5.63 3.98 19.16
O2 PGR X . 6.18 0.61 21.04
C1 PGR Y . 11.80 1.33 29.39
C2 PGR Y . 12.52 0.00 29.43
C3 PGR Y . 12.97 -0.41 28.05
O1 PGR Y . 11.06 1.23 28.22
O2 PGR Y . 13.64 0.18 30.25
C1 PGR Z . 6.84 -25.17 5.38
C2 PGR Z . 5.61 -24.35 4.88
C3 PGR Z . 5.94 -23.88 3.46
O1 PGR Z . 6.84 -25.63 6.82
O2 PGR Z . 4.31 -25.11 4.85
C1 PGR AA . 3.86 -13.09 8.88
C2 PGR AA . 3.70 -14.31 8.06
C3 PGR AA . 2.75 -15.38 8.65
O1 PGR AA . 2.68 -12.31 8.65
O2 PGR AA . 3.21 -13.84 6.82
C1 PGR BA . 5.61 -5.40 30.28
C2 PGR BA . 4.80 -6.41 31.06
C3 PGR BA . 5.62 -7.54 31.45
O1 PGR BA . 5.18 -4.15 30.84
O2 PGR BA . 4.20 -5.85 32.29
C1 PGR CA . 14.30 -9.34 29.60
C2 PGR CA . 14.93 -10.76 29.58
C3 PGR CA . 15.17 -11.39 30.97
O1 PGR CA . 15.29 -8.48 30.30
O2 PGR CA . 14.13 -11.65 28.89
C1 PGR DA . 3.23 -21.92 27.04
C2 PGR DA . 4.64 -21.98 26.34
C3 PGR DA . 5.28 -20.64 26.09
O1 PGR DA . 2.99 -20.69 27.81
O2 PGR DA . 5.57 -22.81 27.06
C1 PGR EA . -9.83 -15.15 30.05
C2 PGR EA . -10.47 -14.92 31.46
C3 PGR EA . -12.04 -14.76 31.38
O1 PGR EA . -10.50 -16.15 29.26
O2 PGR EA . -10.00 -15.89 32.51
C1 PGR FA . 4.17 2.61 25.56
C2 PGR FA . 3.88 1.44 26.55
C3 PGR FA . 5.08 1.25 27.62
O1 PGR FA . 4.07 3.94 26.21
O2 PGR FA . 2.66 1.59 27.22
C1 PGR GA . -15.28 0.38 26.17
C2 PGR GA . -15.74 0.96 24.86
C3 PGR GA . -17.22 1.26 25.03
O1 PGR GA . -16.45 -0.26 26.63
O2 PGR GA . -15.04 2.15 24.61
C1 PGR HA . -22.60 -1.22 20.37
C2 PGR HA . -22.38 -1.99 21.65
C3 PGR HA . -21.99 -3.50 21.41
O1 PGR HA . -22.46 0.22 20.76
O2 PGR HA . -21.41 -1.12 22.32
C1 PGR IA . -9.11 -0.76 -2.13
C2 PGR IA . -10.27 0.11 -2.73
C3 PGR IA . -10.25 0.35 -4.21
O1 PGR IA . -9.55 -1.69 -1.05
O2 PGR IA . -11.51 -0.49 -2.44
C1 PGR JA . -9.04 8.32 -0.60
C2 PGR JA . -9.80 8.74 0.61
C3 PGR JA . -9.05 9.96 1.21
O1 PGR JA . -9.88 7.42 -1.25
O2 PGR JA . -11.13 8.95 0.12
C1 PGR KA . -15.42 0.55 -27.41
C2 PGR KA . -16.34 0.25 -28.62
C3 PGR KA . -15.57 0.24 -29.98
O1 PGR KA . -15.57 -0.33 -26.25
O2 PGR KA . -17.00 -0.97 -28.38
C1 PGR LA . -10.72 9.58 -28.37
C2 PGR LA . -10.52 10.87 -29.15
C3 PGR LA . -11.01 12.21 -28.42
O1 PGR LA . -11.33 8.67 -29.31
O2 PGR LA . -9.14 10.71 -29.61
C1 PGR MA . -2.96 4.14 30.46
C2 PGR MA . -4.35 4.25 29.87
C3 PGR MA . -4.32 4.64 28.38
O1 PGR MA . -2.58 2.74 30.44
O2 PGR MA . -5.02 2.98 30.10
C1 PGR NA . 4.46 -5.82 11.57
C2 PGR NA . 4.76 -4.72 12.66
C3 PGR NA . 4.48 -3.31 12.20
O1 PGR NA . 4.47 -7.14 12.19
O2 PGR NA . 4.06 -5.05 13.88
C1 PGR OA . -1.94 9.36 13.09
C2 PGR OA . -1.23 8.00 13.10
C3 PGR OA . -0.38 7.79 14.38
O1 PGR OA . -3.35 8.95 13.20
O2 PGR OA . -2.30 7.05 13.08
C1 PGR PA . 18.68 9.12 -26.63
C2 PGR PA . 18.24 9.47 -28.02
C3 PGR PA . 16.77 9.20 -28.05
O1 PGR PA . 20.07 9.30 -26.57
O2 PGR PA . 18.81 10.73 -28.71
C1 PGR QA . 14.75 16.62 -14.61
C2 PGR QA . 13.80 17.71 -14.16
C3 PGR QA . 12.43 17.55 -14.75
O1 PGR QA . 15.82 16.61 -13.65
O2 PGR QA . 13.79 17.69 -12.72
C1 PGR RA . 8.93 -26.87 13.28
C2 PGR RA . 9.74 -28.18 13.21
C3 PGR RA . 9.78 -28.79 11.77
O1 PGR RA . 8.42 -26.54 14.57
O2 PGR RA . 11.07 -27.90 13.69
C1 PGR SA . -24.55 -13.81 -9.04
C2 PGR SA . -24.34 -14.06 -10.49
C3 PGR SA . -23.88 -15.54 -10.69
O1 PGR SA . -24.27 -12.47 -8.87
O2 PGR SA . -25.68 -13.70 -11.07
C1 PGR TA . 20.67 3.85 -17.11
C2 PGR TA . 21.72 2.83 -17.31
C3 PGR TA . 22.20 2.30 -15.95
O1 PGR TA . 21.02 4.81 -16.14
O2 PGR TA . 20.97 1.87 -18.10
C1 PGR UA . -15.88 13.88 14.69
C2 PGR UA . -15.77 14.61 13.29
C3 PGR UA . -15.19 16.02 13.47
O1 PGR UA . -16.64 12.59 14.62
O2 PGR UA . -15.03 13.81 12.24
C1 PGR VA . -4.93 9.17 -7.43
C2 PGR VA . -4.00 9.91 -8.37
C3 PGR VA . -3.49 11.21 -7.85
O1 PGR VA . -4.43 7.85 -7.10
O2 PGR VA . -2.95 9.13 -8.64
C1 PGR WA . 19.62 -14.73 -3.63
C2 PGR WA . 19.38 -14.80 -5.13
C3 PGR WA . 19.55 -13.36 -5.64
O1 PGR WA . 21.08 -14.64 -3.54
O2 PGR WA . 20.42 -15.70 -5.60
C1 PGR XA . -8.92 4.00 -0.64
C2 PGR XA . -7.69 3.13 -0.66
C3 PGR XA . -7.20 2.79 -2.10
O1 PGR XA . -10.08 3.16 -0.78
O2 PGR XA . -6.70 3.86 0.06
C1 PGR YA . 23.85 6.00 -15.95
C2 PGR YA . 24.10 7.47 -16.26
C3 PGR YA . 24.73 7.62 -17.66
O1 PGR YA . 23.17 5.87 -14.69
O2 PGR YA . 22.82 8.11 -16.08
C1 PGR ZA . 25.26 -9.76 29.92
C2 PGR ZA . 24.84 -11.17 30.29
C3 PGR ZA . 23.44 -11.52 29.74
O1 PGR ZA . 24.05 -9.15 29.43
O2 PGR ZA . 25.92 -12.16 30.07
C1 PGR AB . -11.70 4.08 -32.70
C2 PGR AB . -12.21 2.64 -32.31
C3 PGR AB . -11.29 1.65 -32.94
O1 PGR AB . -10.72 4.01 -33.77
O2 PGR AB . -12.28 2.27 -30.89
C1 PGR BB . 16.56 3.46 -9.76
C2 PGR BB . 17.73 3.92 -8.78
C3 PGR BB . 17.23 5.05 -7.82
O1 PGR BB . 16.89 3.35 -11.20
O2 PGR BB . 18.45 2.83 -7.96
C1 PGR CB . 2.25 -11.21 -28.31
C2 PGR CB . 1.96 -10.11 -29.41
C3 PGR CB . 3.18 -9.20 -29.92
O1 PGR CB . 1.35 -12.36 -28.08
O2 PGR CB . 1.19 -10.60 -30.50
C1 PGR DB . 5.73 22.21 -19.39
C2 PGR DB . 6.41 21.63 -20.62
C3 PGR DB . 7.83 22.09 -20.98
O1 PGR DB . 5.09 21.06 -18.71
O2 PGR DB . 6.44 20.25 -20.36
C1 PGR EB . -5.29 -27.11 20.57
C2 PGR EB . -6.39 -26.08 20.26
C3 PGR EB . -7.53 -26.00 21.30
O1 PGR EB . -4.27 -26.92 19.59
O2 PGR EB . -5.66 -24.85 20.07
C1 PGR FB . 19.99 -10.60 26.93
C2 PGR FB . 21.24 -11.31 26.14
C3 PGR FB . 21.74 -12.76 26.54
O1 PGR FB . 18.47 -10.65 26.69
O2 PGR FB . 21.36 -11.10 24.72
C1 PGR GB . -27.80 -1.29 0.92
C2 PGR GB . -28.92 -1.61 -0.09
C3 PGR GB . -29.94 -0.46 -0.16
O1 PGR GB . -26.84 -0.71 0.08
O2 PGR GB . -28.13 -1.78 -1.30
C1 PGR HB . 26.41 -6.43 11.31
C2 PGR HB . 27.64 -6.14 10.46
C3 PGR HB . 27.43 -6.22 8.89
O1 PGR HB . 26.39 -7.84 11.31
O2 PGR HB . 28.02 -4.84 10.89
C1 PGR IB . -17.90 -16.69 0.91
C2 PGR IB . -18.49 -16.14 -0.41
C3 PGR IB . -19.81 -15.32 -0.17
O1 PGR IB . -16.44 -16.90 0.84
O2 PGR IB . -17.43 -15.50 -1.20
P PO4 JB . 0.34 0.79 -4.29
O1 PO4 JB . -0.91 1.61 -4.09
O2 PO4 JB . 1.36 0.88 -3.09
O3 PO4 JB . 0.11 -0.76 -4.31
O4 PO4 JB . 0.90 1.31 -5.45
P PO4 KB . 20.60 5.11 -0.79
O1 PO4 KB . 20.23 6.13 0.24
O2 PO4 KB . 22.10 4.86 -0.79
O3 PO4 KB . 19.92 3.85 -0.38
O4 PO4 KB . 20.17 5.55 -2.15
P PO4 LB . -3.83 -0.19 -3.78
O1 PO4 LB . -5.23 0.31 -3.39
O2 PO4 LB . -2.95 -0.41 -2.52
O3 PO4 LB . -3.99 -1.55 -4.33
O4 PO4 LB . -3.02 0.62 -4.73
CL CL MB . 9.52 5.24 19.19
NA NA NB . -14.83 20.86 2.04
CL CL OB . 1.33 15.85 5.68
NA NA PB . 14.27 11.69 -0.94
CL CL QB . 1.20 -15.65 27.04
CL CL RB . 13.23 19.44 -22.19
#